data_8ENW
#
_entry.id   8ENW
#
_cell.length_a   42.711
_cell.length_b   46.012
_cell.length_c   84.319
_cell.angle_alpha   81.240
_cell.angle_beta   81.520
_cell.angle_gamma   69.010
#
_symmetry.space_group_name_H-M   'P 1'
#
loop_
_entity.id
_entity.type
_entity.pdbx_description
1 polymer "Coatomer subunit beta'"
2 polymer 'Clientized spike tail peptide'
3 non-polymer 1,2-ETHANEDIOL
4 water water
#
loop_
_entity_poly.entity_id
_entity_poly.type
_entity_poly.pdbx_seq_one_letter_code
_entity_poly.pdbx_strand_id
1 'polypeptide(L)'
;SMKLDIKKTFSNRSDRVKGIDFHPTEPWVLTTLYSGRVEIWNYETQVEVRSIQVTETPVRAGKFIARKNWIIVGSDDFRI
RVFNYNTGEKVVDFEAHPDYIRSIAVHPTKPYVLSGSDDLTVKLWNWENNWALEQTFEGHEHFVMCVAFNPKDPSTFASG
CLDRTVKVWSLGQSTPNFTLTTGQERGVNYVDYYPLPDKPYMITASDDLTIKIWDYQTKSCVATLEGHMSNVSFAVFHPT
LPIIISGSEDGTLKIWNSSTYKVEKTLNVGLERSWCIATHPTGRKNYIASGFDNGFTVLSLG
;
A,B
2 'polypeptide(L)' GVKLHYE C,D
#
loop_
_chem_comp.id
_chem_comp.type
_chem_comp.name
_chem_comp.formula
EDO non-polymer 1,2-ETHANEDIOL 'C2 H6 O2'
#
# COMPACT_ATOMS: atom_id res chain seq x y z
N SER A 1 -13.80 -10.94 -34.38
CA SER A 1 -15.08 -10.37 -33.87
C SER A 1 -15.42 -10.98 -32.52
N MET A 2 -15.95 -10.13 -31.64
CA MET A 2 -16.22 -10.52 -30.27
C MET A 2 -16.87 -9.38 -29.50
N LYS A 3 -17.83 -9.70 -28.64
CA LYS A 3 -18.42 -8.71 -27.75
C LYS A 3 -17.67 -8.78 -26.43
N LEU A 4 -16.98 -7.70 -26.09
CA LEU A 4 -16.24 -7.59 -24.84
C LEU A 4 -16.84 -6.44 -24.05
N ASP A 5 -17.26 -6.73 -22.82
CA ASP A 5 -17.82 -5.73 -21.91
C ASP A 5 -16.88 -5.66 -20.71
N ILE A 6 -15.82 -4.86 -20.84
CA ILE A 6 -14.75 -4.81 -19.84
C ILE A 6 -15.10 -3.74 -18.81
N LYS A 7 -15.15 -4.14 -17.55
CA LYS A 7 -15.42 -3.23 -16.45
C LYS A 7 -14.28 -3.25 -15.44
N LYS A 8 -13.87 -2.08 -14.97
CA LYS A 8 -12.85 -2.00 -13.93
C LYS A 8 -13.51 -2.26 -12.58
N THR A 9 -13.10 -3.34 -11.93
CA THR A 9 -13.65 -3.69 -10.63
C THR A 9 -12.90 -2.96 -9.52
N PHE A 10 -11.57 -2.95 -9.57
CA PHE A 10 -10.77 -2.32 -8.53
C PHE A 10 -9.35 -2.14 -9.04
N SER A 11 -8.80 -0.96 -8.83
CA SER A 11 -7.39 -0.70 -9.10
C SER A 11 -6.86 0.12 -7.93
N ASN A 12 -5.61 -0.14 -7.58
CA ASN A 12 -4.93 0.63 -6.54
C ASN A 12 -3.47 0.78 -6.94
N ARG A 13 -2.86 1.86 -6.50
CA ARG A 13 -1.46 2.10 -6.78
C ARG A 13 -0.59 1.47 -5.69
N SER A 14 0.59 1.04 -6.10
CA SER A 14 1.55 0.42 -5.21
C SER A 14 2.90 0.41 -5.92
N ASP A 15 3.91 -0.08 -5.21
CA ASP A 15 5.18 -0.38 -5.85
C ASP A 15 4.97 -1.52 -6.84
N ARG A 16 5.99 -1.72 -7.69
CA ARG A 16 5.85 -2.61 -8.83
C ARG A 16 5.37 -3.99 -8.41
N VAL A 17 4.30 -4.45 -9.06
CA VAL A 17 3.69 -5.75 -8.79
C VAL A 17 4.30 -6.79 -9.71
N LYS A 18 4.97 -7.79 -9.14
CA LYS A 18 5.64 -8.83 -9.91
C LYS A 18 4.89 -10.15 -9.93
N GLY A 19 4.07 -10.42 -8.92
CA GLY A 19 3.24 -11.61 -8.90
C GLY A 19 1.83 -11.25 -8.48
N ILE A 20 0.87 -12.04 -8.96
CA ILE A 20 -0.54 -11.77 -8.68
C ILE A 20 -1.31 -13.08 -8.80
N ASP A 21 -2.36 -13.22 -7.97
CA ASP A 21 -3.13 -14.47 -7.92
C ASP A 21 -4.50 -14.21 -7.31
N PHE A 22 -5.51 -14.93 -7.81
CA PHE A 22 -6.86 -14.87 -7.27
C PHE A 22 -7.12 -16.02 -6.30
N HIS A 23 -7.80 -15.71 -5.19
CA HIS A 23 -8.34 -16.76 -4.32
C HIS A 23 -9.60 -17.36 -4.97
N PRO A 24 -9.79 -18.67 -4.86
CA PRO A 24 -10.92 -19.28 -5.59
C PRO A 24 -12.29 -19.05 -4.98
N THR A 25 -12.38 -18.83 -3.66
CA THR A 25 -13.66 -18.75 -2.99
C THR A 25 -13.91 -17.45 -2.24
N GLU A 26 -12.89 -16.71 -1.91
CA GLU A 26 -13.03 -15.38 -1.34
C GLU A 26 -12.73 -14.34 -2.42
N PRO A 27 -13.35 -13.18 -2.36
CA PRO A 27 -13.10 -12.15 -3.40
C PRO A 27 -11.78 -11.42 -3.18
N TRP A 28 -10.69 -12.17 -3.22
CA TRP A 28 -9.39 -11.63 -2.87
C TRP A 28 -8.39 -11.79 -4.00
N VAL A 29 -7.46 -10.83 -4.09
CA VAL A 29 -6.32 -10.92 -4.97
C VAL A 29 -5.07 -10.71 -4.14
N LEU A 30 -4.05 -11.53 -4.39
CA LEU A 30 -2.72 -11.39 -3.80
C LEU A 30 -1.82 -10.68 -4.78
N THR A 31 -1.07 -9.69 -4.30
CA THR A 31 -0.01 -9.07 -5.08
C THR A 31 1.30 -9.24 -4.32
N THR A 32 2.37 -9.50 -5.06
CA THR A 32 3.73 -9.58 -4.52
C THR A 32 4.56 -8.52 -5.22
N LEU A 33 5.32 -7.74 -4.45
CA LEU A 33 5.88 -6.50 -4.92
C LEU A 33 7.40 -6.53 -4.97
N TYR A 34 7.94 -5.66 -5.84
CA TYR A 34 9.38 -5.52 -5.99
C TYR A 34 10.04 -5.01 -4.71
N SER A 35 9.28 -4.37 -3.84
CA SER A 35 9.77 -3.84 -2.57
C SER A 35 9.88 -4.88 -1.46
N GLY A 36 9.46 -6.12 -1.69
CA GLY A 36 9.50 -7.13 -0.66
C GLY A 36 8.22 -7.28 0.14
N ARG A 37 7.21 -6.46 -0.16
CA ARG A 37 5.91 -6.48 0.47
C ARG A 37 4.96 -7.35 -0.35
N VAL A 38 4.01 -7.96 0.35
CA VAL A 38 2.89 -8.65 -0.30
C VAL A 38 1.59 -8.13 0.30
N GLU A 39 0.55 -8.08 -0.52
CA GLU A 39 -0.74 -7.53 -0.14
C GLU A 39 -1.85 -8.48 -0.57
N ILE A 40 -2.83 -8.68 0.30
CA ILE A 40 -4.08 -9.35 -0.07
C ILE A 40 -5.19 -8.32 0.00
N TRP A 41 -5.85 -8.08 -1.12
CA TRP A 41 -6.93 -7.12 -1.21
C TRP A 41 -8.26 -7.84 -1.44
N ASN A 42 -9.29 -7.38 -0.76
CA ASN A 42 -10.66 -7.74 -1.11
C ASN A 42 -11.09 -6.76 -2.20
N TYR A 43 -11.26 -7.23 -3.43
CA TYR A 43 -11.53 -6.31 -4.54
C TYR A 43 -13.00 -5.94 -4.64
N GLU A 44 -13.89 -6.58 -3.88
CA GLU A 44 -15.29 -6.20 -3.81
C GLU A 44 -15.51 -5.07 -2.81
N THR A 45 -14.95 -5.20 -1.61
CA THR A 45 -15.06 -4.15 -0.61
C THR A 45 -13.97 -3.10 -0.72
N GLN A 46 -12.90 -3.39 -1.48
CA GLN A 46 -11.80 -2.46 -1.66
C GLN A 46 -11.11 -2.15 -0.34
N VAL A 47 -10.90 -3.20 0.45
CA VAL A 47 -10.25 -3.13 1.74
C VAL A 47 -9.13 -4.16 1.74
N GLU A 48 -8.02 -3.80 2.38
CA GLU A 48 -6.88 -4.69 2.47
C GLU A 48 -7.16 -5.76 3.53
N VAL A 49 -7.03 -7.02 3.13
CA VAL A 49 -7.26 -8.14 4.03
C VAL A 49 -6.07 -8.33 4.96
N ARG A 50 -4.86 -8.33 4.41
CA ARG A 50 -3.65 -8.58 5.16
C ARG A 50 -2.49 -8.17 4.28
N SER A 51 -1.43 -7.66 4.90
CA SER A 51 -0.22 -7.37 4.16
C SER A 51 0.97 -7.71 5.06
N ILE A 52 2.10 -7.97 4.41
CA ILE A 52 3.30 -8.43 5.10
C ILE A 52 4.51 -7.85 4.39
N GLN A 53 5.42 -7.25 5.15
CA GLN A 53 6.75 -6.93 4.65
C GLN A 53 7.56 -8.20 4.80
N VAL A 54 7.65 -8.99 3.71
CA VAL A 54 8.24 -10.32 3.77
C VAL A 54 9.76 -10.24 3.82
N THR A 55 10.34 -9.33 3.06
CA THR A 55 11.78 -9.27 2.85
C THR A 55 12.09 -7.89 2.30
N GLU A 56 13.37 -7.60 2.14
CA GLU A 56 13.79 -6.35 1.51
C GLU A 56 14.00 -6.49 0.00
N THR A 57 13.98 -7.70 -0.51
CA THR A 57 14.26 -8.00 -1.91
C THR A 57 12.95 -8.16 -2.67
N PRO A 58 12.98 -8.14 -4.00
CA PRO A 58 11.75 -8.40 -4.76
C PRO A 58 11.17 -9.78 -4.43
N VAL A 59 9.84 -9.83 -4.40
CA VAL A 59 9.06 -11.06 -4.30
C VAL A 59 8.41 -11.25 -5.67
N ARG A 60 9.01 -12.08 -6.53
CA ARG A 60 8.51 -12.21 -7.90
C ARG A 60 7.38 -13.23 -8.03
N ALA A 61 7.20 -14.11 -7.05
CA ALA A 61 6.31 -15.25 -7.19
C ALA A 61 5.42 -15.33 -5.97
N GLY A 62 4.13 -15.52 -6.21
CA GLY A 62 3.19 -15.68 -5.12
C GLY A 62 1.92 -16.37 -5.56
N LYS A 63 1.44 -17.32 -4.75
CA LYS A 63 0.20 -18.02 -5.04
C LYS A 63 -0.56 -18.28 -3.75
N PHE A 64 -1.89 -18.31 -3.85
CA PHE A 64 -2.70 -18.88 -2.78
C PHE A 64 -2.59 -20.40 -2.82
N ILE A 65 -2.59 -21.01 -1.64
CA ILE A 65 -2.88 -22.44 -1.48
C ILE A 65 -4.14 -22.48 -0.62
N ALA A 66 -5.30 -22.37 -1.28
CA ALA A 66 -6.55 -22.12 -0.57
C ALA A 66 -6.91 -23.26 0.36
N ARG A 67 -6.63 -24.50 -0.05
CA ARG A 67 -7.04 -25.64 0.76
C ARG A 67 -6.25 -25.73 2.07
N LYS A 68 -5.18 -24.95 2.22
CA LYS A 68 -4.42 -24.87 3.46
C LYS A 68 -4.54 -23.51 4.15
N ASN A 69 -5.27 -22.57 3.55
CA ASN A 69 -5.36 -21.19 4.04
C ASN A 69 -3.99 -20.52 4.07
N TRP A 70 -3.21 -20.78 3.03
CA TRP A 70 -1.86 -20.26 2.93
C TRP A 70 -1.69 -19.37 1.71
N ILE A 71 -0.68 -18.50 1.78
CA ILE A 71 0.01 -17.98 0.61
C ILE A 71 1.42 -18.53 0.62
N ILE A 72 1.97 -18.77 -0.57
CA ILE A 72 3.36 -19.16 -0.74
C ILE A 72 4.02 -18.12 -1.63
N VAL A 73 5.21 -17.67 -1.25
CA VAL A 73 5.90 -16.60 -1.97
C VAL A 73 7.38 -16.95 -2.12
N GLY A 74 7.96 -16.50 -3.21
CA GLY A 74 9.38 -16.71 -3.48
C GLY A 74 10.02 -15.40 -3.87
N SER A 75 11.28 -15.21 -3.43
CA SER A 75 11.91 -13.91 -3.55
C SER A 75 13.35 -13.99 -4.03
N ASP A 76 13.91 -12.82 -4.33
CA ASP A 76 15.27 -12.71 -4.82
C ASP A 76 16.31 -13.00 -3.75
N ASP A 77 15.92 -13.10 -2.48
CA ASP A 77 16.82 -13.55 -1.42
C ASP A 77 16.94 -15.08 -1.38
N PHE A 78 16.39 -15.78 -2.36
CA PHE A 78 16.56 -17.19 -2.61
C PHE A 78 15.56 -18.03 -1.82
N ARG A 79 14.62 -17.43 -1.11
CA ARG A 79 13.82 -18.14 -0.12
C ARG A 79 12.37 -18.33 -0.53
N ILE A 80 11.82 -19.49 -0.15
CA ILE A 80 10.39 -19.74 -0.17
C ILE A 80 9.86 -19.51 1.24
N ARG A 81 8.78 -18.75 1.34
CA ARG A 81 8.09 -18.54 2.60
C ARG A 81 6.62 -18.83 2.42
N VAL A 82 6.00 -19.37 3.46
CA VAL A 82 4.57 -19.67 3.46
C VAL A 82 3.97 -18.98 4.68
N PHE A 83 2.84 -18.30 4.47
CA PHE A 83 2.13 -17.66 5.56
C PHE A 83 0.69 -18.12 5.59
N ASN A 84 0.14 -18.29 6.79
CA ASN A 84 -1.30 -18.50 6.93
C ASN A 84 -1.98 -17.14 6.82
N TYR A 85 -2.90 -16.98 5.86
CA TYR A 85 -3.50 -15.66 5.64
C TYR A 85 -4.58 -15.30 6.67
N ASN A 86 -5.02 -16.26 7.49
CA ASN A 86 -5.99 -15.95 8.53
C ASN A 86 -5.32 -15.42 9.80
N THR A 87 -4.12 -15.89 10.12
CA THR A 87 -3.42 -15.50 11.32
C THR A 87 -2.19 -14.62 11.07
N GLY A 88 -1.59 -14.70 9.90
CA GLY A 88 -0.30 -14.07 9.65
C GLY A 88 0.88 -14.94 10.01
N GLU A 89 0.66 -16.11 10.57
CA GLU A 89 1.76 -16.98 11.00
C GLU A 89 2.63 -17.36 9.82
N LYS A 90 3.95 -17.28 9.99
CA LYS A 90 4.89 -17.81 9.01
C LYS A 90 5.04 -19.31 9.24
N VAL A 91 4.54 -20.11 8.30
CA VAL A 91 4.51 -21.57 8.43
C VAL A 91 5.87 -22.18 8.12
N VAL A 92 6.55 -21.68 7.08
CA VAL A 92 7.86 -22.19 6.71
C VAL A 92 8.65 -21.09 6.02
N ASP A 93 9.97 -21.22 6.06
CA ASP A 93 10.89 -20.22 5.53
C ASP A 93 12.20 -20.94 5.26
N PHE A 94 12.52 -21.18 3.99
CA PHE A 94 13.73 -21.93 3.66
C PHE A 94 14.35 -21.44 2.37
N GLU A 95 15.67 -21.62 2.26
CA GLU A 95 16.37 -21.32 1.03
C GLU A 95 16.08 -22.44 0.04
N ALA A 96 15.47 -22.08 -1.08
CA ALA A 96 15.04 -23.04 -2.07
C ALA A 96 16.03 -23.22 -3.20
N HIS A 97 16.74 -22.16 -3.58
CA HIS A 97 17.69 -22.18 -4.67
C HIS A 97 18.84 -21.27 -4.28
N PRO A 98 20.00 -21.42 -4.92
CA PRO A 98 21.10 -20.46 -4.68
C PRO A 98 21.05 -19.23 -5.59
N ASP A 99 19.86 -18.89 -6.07
CA ASP A 99 19.70 -17.74 -6.97
C ASP A 99 18.23 -17.35 -6.95
N TYR A 100 17.89 -16.32 -7.72
CA TYR A 100 16.55 -15.74 -7.67
C TYR A 100 15.49 -16.81 -7.98
N ILE A 101 14.34 -16.69 -7.31
CA ILE A 101 13.16 -17.49 -7.63
C ILE A 101 12.28 -16.65 -8.55
N ARG A 102 11.98 -17.18 -9.73
CA ARG A 102 11.21 -16.46 -10.73
C ARG A 102 9.73 -16.83 -10.73
N SER A 103 9.38 -18.05 -10.31
CA SER A 103 8.05 -18.55 -10.56
C SER A 103 7.77 -19.71 -9.62
N ILE A 104 6.53 -19.76 -9.13
CA ILE A 104 6.04 -20.85 -8.29
C ILE A 104 4.71 -21.32 -8.86
N ALA A 105 4.54 -22.64 -8.93
CA ALA A 105 3.27 -23.25 -9.33
C ALA A 105 2.87 -24.27 -8.28
N VAL A 106 1.56 -24.38 -8.04
CA VAL A 106 0.99 -25.28 -7.05
C VAL A 106 0.18 -26.37 -7.75
N HIS A 107 0.40 -27.62 -7.36
CA HIS A 107 -0.35 -28.73 -7.94
C HIS A 107 -1.81 -28.62 -7.53
N PRO A 108 -2.74 -28.99 -8.41
CA PRO A 108 -4.16 -28.81 -8.09
C PRO A 108 -4.69 -29.73 -7.00
N THR A 109 -4.08 -30.89 -6.77
CA THR A 109 -4.65 -31.83 -5.80
C THR A 109 -3.61 -32.36 -4.80
N LYS A 110 -2.36 -32.54 -5.23
CA LYS A 110 -1.33 -33.07 -4.37
C LYS A 110 -0.53 -31.94 -3.73
N PRO A 111 0.14 -32.23 -2.61
CA PRO A 111 0.85 -31.20 -1.85
C PRO A 111 2.21 -30.86 -2.43
N TYR A 112 2.22 -30.57 -3.73
CA TYR A 112 3.43 -30.32 -4.48
C TYR A 112 3.50 -28.86 -4.92
N VAL A 113 4.70 -28.29 -4.84
CA VAL A 113 4.99 -26.97 -5.35
C VAL A 113 6.22 -27.06 -6.24
N LEU A 114 6.17 -26.35 -7.37
CA LEU A 114 7.33 -26.21 -8.25
C LEU A 114 7.87 -24.79 -8.13
N SER A 115 9.19 -24.67 -8.11
CA SER A 115 9.84 -23.36 -8.19
C SER A 115 10.84 -23.36 -9.33
N GLY A 116 10.82 -22.30 -10.12
CA GLY A 116 11.79 -22.09 -11.20
C GLY A 116 12.72 -20.95 -10.83
N SER A 117 14.01 -21.08 -11.20
CA SER A 117 15.05 -20.21 -10.68
C SER A 117 16.11 -19.86 -11.71
N ASP A 118 16.81 -18.76 -11.43
CA ASP A 118 17.98 -18.35 -12.19
C ASP A 118 19.13 -19.36 -12.05
N ASP A 119 19.03 -20.31 -11.13
CA ASP A 119 20.01 -21.39 -10.98
C ASP A 119 19.87 -22.46 -12.06
N LEU A 120 19.02 -22.23 -13.05
CA LEU A 120 18.85 -23.06 -14.24
C LEU A 120 17.97 -24.28 -14.00
N THR A 121 17.29 -24.38 -12.84
CA THR A 121 16.56 -25.58 -12.49
C THR A 121 15.12 -25.27 -12.12
N VAL A 122 14.33 -26.33 -12.09
CA VAL A 122 13.03 -26.38 -11.42
C VAL A 122 13.18 -27.36 -10.27
N LYS A 123 12.59 -27.03 -9.13
CA LYS A 123 12.59 -27.93 -7.97
C LYS A 123 11.15 -28.22 -7.53
N LEU A 124 10.96 -29.44 -7.07
CA LEU A 124 9.67 -29.95 -6.63
C LEU A 124 9.73 -30.18 -5.13
N TRP A 125 8.81 -29.53 -4.40
CA TRP A 125 8.74 -29.57 -2.95
C TRP A 125 7.43 -30.22 -2.52
N ASN A 126 7.47 -31.00 -1.44
CA ASN A 126 6.31 -31.75 -0.95
C ASN A 126 6.00 -31.30 0.47
N TRP A 127 4.92 -30.55 0.64
CA TRP A 127 4.64 -29.98 1.96
C TRP A 127 4.10 -30.99 2.94
N GLU A 128 3.67 -32.17 2.49
CA GLU A 128 3.26 -33.25 3.37
C GLU A 128 4.40 -34.18 3.73
N ASN A 129 5.61 -33.86 3.29
CA ASN A 129 6.84 -34.58 3.65
C ASN A 129 7.87 -33.58 4.17
N ASN A 130 7.42 -32.71 5.07
CA ASN A 130 8.28 -31.72 5.72
C ASN A 130 8.98 -30.82 4.70
N TRP A 131 8.25 -30.45 3.64
CA TRP A 131 8.80 -29.57 2.60
C TRP A 131 10.09 -30.13 2.00
N ALA A 132 10.12 -31.45 1.82
CA ALA A 132 11.27 -32.09 1.22
C ALA A 132 11.47 -31.62 -0.22
N LEU A 133 12.74 -31.53 -0.61
CA LEU A 133 13.11 -31.40 -2.02
C LEU A 133 13.00 -32.78 -2.63
N GLU A 134 11.91 -33.02 -3.37
CA GLU A 134 11.64 -34.34 -3.91
C GLU A 134 12.39 -34.56 -5.23
N GLN A 135 12.61 -33.51 -6.01
CA GLN A 135 13.26 -33.66 -7.30
C GLN A 135 13.76 -32.30 -7.78
N THR A 136 14.92 -32.31 -8.45
CA THR A 136 15.45 -31.18 -9.19
C THR A 136 15.51 -31.55 -10.66
N PHE A 137 14.90 -30.72 -11.51
CA PHE A 137 14.85 -30.94 -12.95
C PHE A 137 15.93 -30.09 -13.61
N GLU A 138 16.93 -30.75 -14.18
CA GLU A 138 18.08 -30.11 -14.79
C GLU A 138 18.05 -30.31 -16.30
N GLY A 139 18.52 -29.30 -17.02
CA GLY A 139 18.62 -29.36 -18.46
C GLY A 139 18.55 -28.00 -19.13
N HIS A 140 17.86 -27.06 -18.50
CA HIS A 140 17.83 -25.72 -19.06
C HIS A 140 19.21 -25.07 -18.92
N GLU A 141 19.47 -24.08 -19.78
CA GLU A 141 20.79 -23.48 -19.88
C GLU A 141 20.78 -21.98 -19.59
N HIS A 142 19.67 -21.44 -19.10
CA HIS A 142 19.57 -20.05 -18.68
C HIS A 142 18.44 -19.99 -17.66
N PHE A 143 18.10 -18.78 -17.23
CA PHE A 143 17.14 -18.62 -16.15
C PHE A 143 15.81 -19.25 -16.50
N VAL A 144 15.25 -20.02 -15.57
CA VAL A 144 13.90 -20.55 -15.70
C VAL A 144 12.92 -19.49 -15.21
N MET A 145 12.14 -18.95 -16.15
CA MET A 145 11.32 -17.77 -15.90
C MET A 145 9.90 -18.11 -15.48
N CYS A 146 9.43 -19.32 -15.76
CA CYS A 146 8.03 -19.64 -15.54
C CYS A 146 7.85 -21.14 -15.48
N VAL A 147 7.05 -21.60 -14.53
CA VAL A 147 6.67 -23.01 -14.44
C VAL A 147 5.16 -23.09 -14.31
N ALA A 148 4.57 -24.13 -14.92
CA ALA A 148 3.13 -24.34 -14.83
C ALA A 148 2.80 -25.81 -14.98
N PHE A 149 1.96 -26.32 -14.09
CA PHE A 149 1.44 -27.67 -14.25
C PHE A 149 0.42 -27.72 -15.39
N ASN A 150 0.35 -28.87 -16.06
CA ASN A 150 -0.72 -29.09 -17.01
C ASN A 150 -1.98 -29.40 -16.21
N PRO A 151 -3.00 -28.53 -16.27
CA PRO A 151 -4.18 -28.75 -15.43
C PRO A 151 -4.93 -30.02 -15.75
N LYS A 152 -4.78 -30.54 -16.97
CA LYS A 152 -5.46 -31.75 -17.38
C LYS A 152 -4.64 -33.01 -17.10
N ASP A 153 -3.35 -32.86 -16.83
CA ASP A 153 -2.51 -33.98 -16.41
C ASP A 153 -1.37 -33.40 -15.60
N PRO A 154 -1.63 -33.11 -14.32
CA PRO A 154 -0.62 -32.43 -13.50
C PRO A 154 0.47 -33.35 -12.98
N SER A 155 0.59 -34.57 -13.51
CA SER A 155 1.84 -35.32 -13.41
C SER A 155 2.89 -34.77 -14.37
N THR A 156 2.51 -33.82 -15.23
CA THR A 156 3.44 -33.16 -16.13
C THR A 156 3.36 -31.65 -15.91
N PHE A 157 4.43 -30.97 -16.29
CA PHE A 157 4.47 -29.53 -16.19
C PHE A 157 5.44 -28.99 -17.23
N ALA A 158 5.34 -27.68 -17.48
CA ALA A 158 6.15 -26.97 -18.44
C ALA A 158 7.00 -25.92 -17.75
N SER A 159 8.21 -25.75 -18.23
CA SER A 159 9.08 -24.66 -17.82
C SER A 159 9.48 -23.85 -19.05
N GLY A 160 9.47 -22.53 -18.90
CA GLY A 160 9.88 -21.61 -19.94
C GLY A 160 11.15 -20.90 -19.51
N CYS A 161 12.08 -20.75 -20.44
CA CYS A 161 13.44 -20.40 -20.09
C CYS A 161 14.04 -19.41 -21.07
N LEU A 162 14.95 -18.56 -20.55
CA LEU A 162 15.66 -17.61 -21.39
C LEU A 162 16.60 -18.29 -22.37
N ASP A 163 16.80 -19.62 -22.25
CA ASP A 163 17.53 -20.39 -23.24
C ASP A 163 16.71 -20.63 -24.51
N ARG A 164 15.53 -20.02 -24.63
CA ARG A 164 14.71 -20.02 -25.84
C ARG A 164 13.91 -21.31 -25.98
N THR A 165 13.80 -22.10 -24.92
CA THR A 165 13.06 -23.35 -24.97
C THR A 165 11.96 -23.38 -23.93
N VAL A 166 10.97 -24.21 -24.19
CA VAL A 166 10.07 -24.75 -23.20
C VAL A 166 10.40 -26.23 -23.06
N LYS A 167 10.48 -26.72 -21.83
CA LYS A 167 10.61 -28.14 -21.57
C LYS A 167 9.37 -28.63 -20.83
N VAL A 168 8.85 -29.77 -21.26
CA VAL A 168 7.71 -30.41 -20.62
C VAL A 168 8.22 -31.70 -19.98
N TRP A 169 7.94 -31.86 -18.69
CA TRP A 169 8.54 -32.89 -17.88
C TRP A 169 7.45 -33.72 -17.22
N SER A 170 7.83 -34.93 -16.82
CA SER A 170 7.00 -35.79 -15.99
C SER A 170 7.62 -35.88 -14.59
N LEU A 171 6.78 -35.73 -13.57
CA LEU A 171 7.26 -35.93 -12.21
C LEU A 171 7.85 -37.33 -12.09
N GLY A 172 9.04 -37.43 -11.51
CA GLY A 172 9.71 -38.69 -11.35
C GLY A 172 10.63 -39.09 -12.49
N GLN A 173 10.71 -38.29 -13.55
CA GLN A 173 11.60 -38.55 -14.69
C GLN A 173 12.55 -37.37 -14.85
N SER A 174 13.81 -37.66 -15.23
CA SER A 174 14.89 -36.68 -15.10
C SER A 174 15.14 -35.87 -16.36
N THR A 175 14.60 -36.30 -17.50
CA THR A 175 14.77 -35.53 -18.72
C THR A 175 13.40 -35.12 -19.26
N PRO A 176 13.33 -34.06 -20.05
CA PRO A 176 12.03 -33.64 -20.58
C PRO A 176 11.39 -34.72 -21.44
N ASN A 177 10.08 -34.83 -21.35
CA ASN A 177 9.34 -35.60 -22.35
C ASN A 177 9.58 -35.02 -23.74
N PHE A 178 9.65 -33.69 -23.84
CA PHE A 178 10.05 -33.03 -25.07
C PHE A 178 10.51 -31.62 -24.76
N THR A 179 11.29 -31.06 -25.68
CA THR A 179 11.73 -29.68 -25.63
C THR A 179 11.21 -28.98 -26.87
N LEU A 180 10.56 -27.85 -26.69
CA LEU A 180 10.11 -27.01 -27.79
C LEU A 180 11.19 -25.97 -28.04
N THR A 181 11.79 -25.99 -29.22
CA THR A 181 12.71 -24.95 -29.67
C THR A 181 11.84 -23.85 -30.26
N THR A 182 11.56 -22.82 -29.45
CA THR A 182 10.47 -21.90 -29.77
C THR A 182 10.77 -20.98 -30.95
N GLY A 183 12.04 -20.76 -31.27
CA GLY A 183 12.37 -19.73 -32.22
C GLY A 183 12.15 -18.32 -31.72
N GLN A 184 11.93 -18.15 -30.42
CA GLN A 184 11.81 -16.84 -29.76
C GLN A 184 13.20 -16.50 -29.25
N GLU A 185 13.95 -15.77 -30.08
CA GLU A 185 15.40 -15.77 -29.94
C GLU A 185 15.89 -15.00 -28.72
N ARG A 186 15.06 -14.18 -28.10
CA ARG A 186 15.43 -13.46 -26.88
C ARG A 186 14.98 -14.18 -25.62
N GLY A 187 14.48 -15.40 -25.72
CA GLY A 187 14.11 -16.20 -24.57
C GLY A 187 12.60 -16.34 -24.43
N VAL A 188 12.21 -17.19 -23.49
CA VAL A 188 10.82 -17.38 -23.12
C VAL A 188 10.64 -16.87 -21.70
N ASN A 189 9.74 -15.90 -21.53
CA ASN A 189 9.45 -15.32 -20.22
C ASN A 189 8.28 -15.99 -19.52
N TYR A 190 7.43 -16.69 -20.26
CA TYR A 190 6.18 -17.17 -19.73
C TYR A 190 5.69 -18.35 -20.55
N VAL A 191 5.11 -19.35 -19.88
CA VAL A 191 4.45 -20.47 -20.55
C VAL A 191 3.19 -20.79 -19.76
N ASP A 192 2.12 -21.11 -20.46
CA ASP A 192 0.79 -21.35 -19.88
C ASP A 192 0.13 -22.46 -20.70
N TYR A 193 -0.80 -23.16 -20.06
CA TYR A 193 -1.59 -24.20 -20.70
C TYR A 193 -3.01 -23.70 -20.96
N TYR A 194 -3.56 -24.04 -22.11
CA TYR A 194 -4.99 -23.90 -22.32
C TYR A 194 -5.72 -24.83 -21.35
N PRO A 195 -6.70 -24.34 -20.60
CA PRO A 195 -7.20 -25.13 -19.46
C PRO A 195 -8.27 -26.15 -19.77
N LEU A 196 -8.92 -26.10 -20.92
CA LEU A 196 -10.05 -26.98 -21.19
C LEU A 196 -9.62 -28.21 -21.98
N PRO A 197 -10.38 -29.31 -21.88
CA PRO A 197 -9.92 -30.58 -22.47
C PRO A 197 -9.96 -30.64 -23.99
N ASP A 198 -10.55 -29.68 -24.68
CA ASP A 198 -10.73 -29.85 -26.12
C ASP A 198 -9.48 -29.54 -26.95
N LYS A 199 -8.51 -28.78 -26.41
CA LYS A 199 -7.33 -28.45 -27.19
C LYS A 199 -6.08 -28.73 -26.33
N PRO A 200 -5.06 -29.39 -26.88
CA PRO A 200 -3.81 -29.62 -26.14
C PRO A 200 -2.82 -28.49 -26.44
N TYR A 201 -3.17 -27.29 -25.99
CA TYR A 201 -2.42 -26.11 -26.38
C TYR A 201 -1.64 -25.51 -25.22
N MET A 202 -0.50 -24.92 -25.58
CA MET A 202 0.33 -24.12 -24.69
C MET A 202 0.62 -22.79 -25.37
N ILE A 203 1.10 -21.83 -24.60
CA ILE A 203 1.34 -20.47 -25.11
C ILE A 203 2.61 -19.93 -24.46
N THR A 204 3.44 -19.25 -25.26
CA THR A 204 4.70 -18.70 -24.79
C THR A 204 4.81 -17.22 -25.15
N ALA A 205 5.48 -16.45 -24.29
CA ALA A 205 5.69 -15.02 -24.49
C ALA A 205 7.19 -14.72 -24.37
N SER A 206 7.65 -13.72 -25.12
CA SER A 206 9.09 -13.47 -25.27
C SER A 206 9.43 -11.98 -25.33
N ASP A 207 10.69 -11.69 -24.94
CA ASP A 207 11.27 -10.39 -25.18
C ASP A 207 11.38 -10.06 -26.68
N ASP A 208 11.26 -11.07 -27.55
CA ASP A 208 11.34 -10.83 -28.99
C ASP A 208 10.04 -10.25 -29.57
N LEU A 209 9.10 -9.87 -28.70
CA LEU A 209 7.85 -9.20 -29.02
C LEU A 209 6.76 -10.16 -29.47
N THR A 210 7.01 -11.46 -29.50
CA THR A 210 6.03 -12.40 -30.01
C THR A 210 5.41 -13.24 -28.91
N ILE A 211 4.24 -13.77 -29.23
CA ILE A 211 3.53 -14.80 -28.49
C ILE A 211 3.31 -15.96 -29.45
N LYS A 212 3.55 -17.19 -28.99
CA LYS A 212 3.35 -18.35 -29.84
C LYS A 212 2.44 -19.36 -29.16
N ILE A 213 1.60 -19.98 -29.98
CA ILE A 213 0.67 -21.03 -29.56
C ILE A 213 1.22 -22.36 -30.07
N TRP A 214 1.15 -23.38 -29.23
CA TRP A 214 1.75 -24.68 -29.51
C TRP A 214 0.74 -25.79 -29.23
N ASP A 215 0.75 -26.81 -30.08
CA ASP A 215 0.04 -28.06 -29.83
C ASP A 215 1.05 -29.01 -29.21
N TYR A 216 0.80 -29.44 -27.97
CA TYR A 216 1.78 -30.26 -27.27
C TYR A 216 1.76 -31.74 -27.68
N GLN A 217 0.81 -32.15 -28.52
CA GLN A 217 0.86 -33.51 -29.08
C GLN A 217 1.68 -33.56 -30.36
N THR A 218 1.52 -32.57 -31.24
CA THR A 218 2.31 -32.54 -32.46
C THR A 218 3.62 -31.78 -32.29
N LYS A 219 3.73 -30.99 -31.22
CA LYS A 219 4.90 -30.15 -30.95
C LYS A 219 5.10 -29.07 -32.01
N SER A 220 4.03 -28.67 -32.68
CA SER A 220 4.06 -27.68 -33.73
C SER A 220 3.56 -26.34 -33.22
N CYS A 221 4.08 -25.26 -33.84
CA CYS A 221 3.57 -23.92 -33.57
C CYS A 221 2.31 -23.70 -34.39
N VAL A 222 1.20 -23.43 -33.69
CA VAL A 222 -0.10 -23.23 -34.32
C VAL A 222 -0.26 -21.80 -34.83
N ALA A 223 0.33 -20.83 -34.15
CA ALA A 223 0.14 -19.43 -34.49
C ALA A 223 1.19 -18.59 -33.79
N THR A 224 1.52 -17.45 -34.40
CA THR A 224 2.38 -16.44 -33.81
C THR A 224 1.60 -15.12 -33.77
N LEU A 225 1.53 -14.52 -32.59
CA LEU A 225 0.75 -13.31 -32.35
C LEU A 225 1.72 -12.14 -32.22
N GLU A 226 1.63 -11.20 -33.16
CA GLU A 226 2.50 -10.04 -33.19
C GLU A 226 1.67 -8.78 -32.98
N GLY A 227 2.27 -7.79 -32.33
CA GLY A 227 1.57 -6.55 -32.08
C GLY A 227 2.12 -5.78 -30.90
N HIS A 228 2.66 -6.47 -29.91
CA HIS A 228 3.27 -5.77 -28.78
C HIS A 228 4.53 -5.04 -29.25
N MET A 229 4.84 -3.95 -28.56
CA MET A 229 5.87 -3.00 -28.98
C MET A 229 7.09 -3.04 -28.07
N SER A 230 7.07 -3.85 -27.01
CA SER A 230 8.21 -4.10 -26.16
C SER A 230 8.03 -5.50 -25.57
N ASN A 231 8.93 -5.87 -24.65
CA ASN A 231 8.98 -7.23 -24.14
C ASN A 231 7.60 -7.70 -23.70
N VAL A 232 7.26 -8.94 -24.05
CA VAL A 232 5.99 -9.51 -23.63
C VAL A 232 6.22 -10.28 -22.33
N SER A 233 5.56 -9.84 -21.27
CA SER A 233 5.78 -10.41 -19.95
C SER A 233 5.01 -11.71 -19.74
N PHE A 234 3.84 -11.84 -20.36
CA PHE A 234 2.99 -12.99 -20.14
C PHE A 234 1.96 -13.06 -21.26
N ALA A 235 1.40 -14.27 -21.43
CA ALA A 235 0.24 -14.48 -22.29
C ALA A 235 -0.47 -15.71 -21.75
N VAL A 236 -1.78 -15.62 -21.57
CA VAL A 236 -2.56 -16.72 -21.02
C VAL A 236 -3.85 -16.89 -21.79
N PHE A 237 -4.40 -18.12 -21.72
CA PHE A 237 -5.74 -18.41 -22.18
C PHE A 237 -6.72 -18.11 -21.04
N HIS A 238 -7.83 -17.48 -21.36
CA HIS A 238 -8.86 -17.26 -20.37
C HIS A 238 -9.61 -18.56 -20.09
N PRO A 239 -10.03 -18.79 -18.83
CA PRO A 239 -10.64 -20.10 -18.53
C PRO A 239 -12.06 -20.28 -19.05
N THR A 240 -12.77 -19.21 -19.41
CA THR A 240 -14.15 -19.34 -19.84
C THR A 240 -14.46 -18.64 -21.16
N LEU A 241 -13.73 -17.59 -21.49
CA LEU A 241 -13.98 -16.83 -22.71
C LEU A 241 -12.96 -17.21 -23.79
N PRO A 242 -13.35 -17.14 -25.07
CA PRO A 242 -12.47 -17.57 -26.16
C PRO A 242 -11.43 -16.51 -26.52
N ILE A 243 -10.61 -16.16 -25.54
CA ILE A 243 -9.62 -15.10 -25.68
C ILE A 243 -8.30 -15.52 -25.06
N ILE A 244 -7.24 -14.85 -25.51
CA ILE A 244 -5.92 -14.83 -24.90
C ILE A 244 -5.68 -13.43 -24.39
N ILE A 245 -5.08 -13.31 -23.20
CA ILE A 245 -4.73 -12.03 -22.62
C ILE A 245 -3.21 -11.98 -22.48
N SER A 246 -2.59 -10.92 -22.99
CA SER A 246 -1.16 -10.71 -22.86
C SER A 246 -0.89 -9.33 -22.28
N GLY A 247 0.32 -9.17 -21.77
CA GLY A 247 0.74 -7.91 -21.18
C GLY A 247 2.22 -7.71 -21.44
N SER A 248 2.64 -6.45 -21.46
CA SER A 248 3.95 -6.10 -22.01
C SER A 248 4.55 -4.89 -21.31
N GLU A 249 5.87 -4.80 -21.40
CA GLU A 249 6.59 -3.58 -21.02
C GLU A 249 6.24 -2.39 -21.91
N ASP A 250 5.46 -2.60 -22.98
CA ASP A 250 4.89 -1.49 -23.75
C ASP A 250 3.76 -0.79 -23.00
N GLY A 251 3.36 -1.28 -21.82
CA GLY A 251 2.34 -0.67 -21.02
C GLY A 251 0.94 -1.13 -21.31
N THR A 252 0.75 -2.09 -22.20
CA THR A 252 -0.58 -2.49 -22.61
C THR A 252 -0.90 -3.91 -22.17
N LEU A 253 -2.20 -4.14 -22.01
CA LEU A 253 -2.79 -5.46 -22.11
C LEU A 253 -3.39 -5.60 -23.50
N LYS A 254 -3.27 -6.79 -24.08
CA LYS A 254 -3.95 -7.07 -25.32
C LYS A 254 -4.83 -8.30 -25.15
N ILE A 255 -6.03 -8.23 -25.70
CA ILE A 255 -6.97 -9.34 -25.72
C ILE A 255 -7.06 -9.80 -27.17
N TRP A 256 -6.77 -11.08 -27.41
CA TRP A 256 -6.72 -11.65 -28.74
C TRP A 256 -7.79 -12.73 -28.86
N ASN A 257 -8.37 -12.85 -30.04
CA ASN A 257 -9.36 -13.89 -30.31
C ASN A 257 -8.65 -15.25 -30.37
N SER A 258 -9.12 -16.21 -29.58
CA SER A 258 -8.43 -17.49 -29.50
C SER A 258 -8.74 -18.44 -30.66
N SER A 259 -9.65 -18.08 -31.57
CA SER A 259 -9.87 -18.87 -32.77
C SER A 259 -9.15 -18.30 -33.99
N THR A 260 -9.18 -16.97 -34.15
CA THR A 260 -8.52 -16.33 -35.29
C THR A 260 -7.12 -15.83 -34.95
N TYR A 261 -6.78 -15.67 -33.68
CA TYR A 261 -5.48 -15.20 -33.23
C TYR A 261 -5.21 -13.75 -33.62
N LYS A 262 -6.26 -13.00 -33.92
CA LYS A 262 -6.15 -11.57 -34.20
C LYS A 262 -6.51 -10.78 -32.94
N VAL A 263 -5.88 -9.61 -32.81
CA VAL A 263 -6.11 -8.76 -31.65
C VAL A 263 -7.53 -8.22 -31.69
N GLU A 264 -8.20 -8.22 -30.54
CA GLU A 264 -9.55 -7.69 -30.39
C GLU A 264 -9.56 -6.35 -29.67
N LYS A 265 -8.67 -6.17 -28.69
CA LYS A 265 -8.66 -4.94 -27.91
C LYS A 265 -7.28 -4.74 -27.30
N THR A 266 -6.82 -3.49 -27.32
CA THR A 266 -5.63 -3.08 -26.60
C THR A 266 -6.06 -2.11 -25.49
N LEU A 267 -5.61 -2.39 -24.26
CA LEU A 267 -5.93 -1.56 -23.11
C LEU A 267 -4.66 -0.92 -22.58
N ASN A 268 -4.66 0.40 -22.41
CA ASN A 268 -3.60 1.05 -21.63
C ASN A 268 -4.23 1.50 -20.31
N VAL A 269 -4.01 0.71 -19.26
CA VAL A 269 -4.64 1.00 -17.98
C VAL A 269 -3.94 2.13 -17.22
N GLY A 270 -2.80 2.61 -17.71
CA GLY A 270 -2.20 3.80 -17.16
C GLY A 270 -1.30 3.57 -15.96
N LEU A 271 -0.72 2.38 -15.83
CA LEU A 271 0.13 2.02 -14.71
C LEU A 271 1.55 1.67 -15.16
N GLU A 272 1.94 2.09 -16.38
CA GLU A 272 3.24 1.81 -16.98
C GLU A 272 3.40 0.31 -17.25
N ARG A 273 4.59 -0.26 -17.05
CA ARG A 273 4.87 -1.58 -17.62
C ARG A 273 4.07 -2.67 -16.92
N SER A 274 3.58 -3.63 -17.70
CA SER A 274 2.84 -4.77 -17.18
C SER A 274 3.77 -5.95 -16.99
N TRP A 275 3.63 -6.63 -15.85
CA TRP A 275 4.55 -7.67 -15.45
C TRP A 275 3.92 -9.02 -15.21
N CYS A 276 2.67 -9.08 -14.76
CA CYS A 276 2.09 -10.34 -14.33
C CYS A 276 0.58 -10.35 -14.51
N ILE A 277 0.03 -11.57 -14.46
CA ILE A 277 -1.36 -11.81 -14.78
C ILE A 277 -1.91 -12.92 -13.91
N ALA A 278 -3.21 -12.84 -13.65
CA ALA A 278 -3.96 -13.92 -13.04
C ALA A 278 -5.34 -13.93 -13.66
N THR A 279 -5.91 -15.12 -13.79
CA THR A 279 -7.31 -15.27 -14.16
C THR A 279 -8.01 -15.98 -13.01
N HIS A 280 -9.22 -15.56 -12.70
CA HIS A 280 -9.93 -16.21 -11.61
C HIS A 280 -10.13 -17.69 -11.94
N PRO A 281 -9.77 -18.60 -11.04
CA PRO A 281 -9.69 -20.02 -11.41
C PRO A 281 -11.04 -20.68 -11.68
N THR A 282 -12.15 -20.13 -11.20
CA THR A 282 -13.47 -20.65 -11.53
C THR A 282 -14.16 -19.83 -12.60
N GLY A 283 -13.51 -18.80 -13.14
CA GLY A 283 -14.16 -17.93 -14.08
C GLY A 283 -15.17 -16.97 -13.49
N ARG A 284 -15.16 -16.79 -12.17
CA ARG A 284 -16.07 -15.84 -11.55
C ARG A 284 -15.98 -14.47 -12.20
N LYS A 285 -17.12 -13.98 -12.69
CA LYS A 285 -17.24 -12.69 -13.37
C LYS A 285 -16.21 -12.54 -14.50
N ASN A 286 -15.70 -13.67 -14.98
CA ASN A 286 -14.63 -13.67 -15.99
C ASN A 286 -13.44 -12.82 -15.56
N TYR A 287 -13.22 -12.72 -14.24
CA TYR A 287 -12.25 -11.80 -13.71
C TYR A 287 -10.83 -12.09 -14.21
N ILE A 288 -10.09 -11.02 -14.49
CA ILE A 288 -8.65 -11.07 -14.67
C ILE A 288 -8.05 -9.97 -13.81
N ALA A 289 -6.76 -10.11 -13.52
CA ALA A 289 -6.05 -9.05 -12.82
C ALA A 289 -4.61 -9.01 -13.33
N SER A 290 -4.05 -7.81 -13.40
CA SER A 290 -2.67 -7.67 -13.84
C SER A 290 -1.92 -6.70 -12.94
N GLY A 291 -0.64 -6.98 -12.77
CA GLY A 291 0.25 -6.18 -11.95
C GLY A 291 1.23 -5.40 -12.82
N PHE A 292 1.51 -4.16 -12.40
CA PHE A 292 2.26 -3.22 -13.21
C PHE A 292 3.30 -2.49 -12.36
N ASP A 293 4.11 -1.68 -13.05
CA ASP A 293 5.06 -0.80 -12.36
C ASP A 293 4.40 -0.03 -11.21
N ASN A 294 3.19 0.50 -11.44
CA ASN A 294 2.62 1.46 -10.51
C ASN A 294 1.38 0.93 -9.77
N GLY A 295 1.08 -0.35 -9.86
CA GLY A 295 -0.02 -0.91 -9.10
C GLY A 295 -0.63 -2.08 -9.83
N PHE A 296 -1.90 -2.34 -9.54
CA PHE A 296 -2.61 -3.47 -10.13
C PHE A 296 -4.02 -3.04 -10.50
N THR A 297 -4.63 -3.82 -11.37
CA THR A 297 -6.05 -3.65 -11.70
C THR A 297 -6.72 -5.01 -11.80
N VAL A 298 -7.99 -5.03 -11.37
CA VAL A 298 -8.86 -6.20 -11.45
C VAL A 298 -9.99 -5.82 -12.40
N LEU A 299 -10.15 -6.59 -13.47
CA LEU A 299 -11.16 -6.31 -14.47
C LEU A 299 -12.13 -7.48 -14.60
N SER A 300 -13.40 -7.16 -14.82
CA SER A 300 -14.40 -8.14 -15.18
C SER A 300 -14.65 -8.03 -16.68
N LEU A 301 -14.69 -9.17 -17.36
CA LEU A 301 -14.89 -9.20 -18.80
C LEU A 301 -16.28 -9.74 -19.10
N GLY A 302 -16.86 -9.25 -20.19
CA GLY A 302 -18.15 -9.70 -20.65
C GLY A 302 -19.17 -9.90 -19.54
N SER B 1 -23.86 28.39 2.14
CA SER B 1 -23.59 28.10 0.69
C SER B 1 -22.48 29.01 0.19
N MET B 2 -21.56 28.46 -0.58
CA MET B 2 -20.51 29.27 -1.18
C MET B 2 -19.98 28.52 -2.39
N LYS B 3 -19.35 29.27 -3.29
CA LYS B 3 -18.60 28.67 -4.38
C LYS B 3 -17.25 28.22 -3.84
N LEU B 4 -16.97 26.92 -3.95
CA LEU B 4 -15.68 26.38 -3.53
C LEU B 4 -15.50 25.08 -4.31
N ASP B 5 -14.68 25.13 -5.35
CA ASP B 5 -14.40 23.94 -6.12
C ASP B 5 -13.53 23.00 -5.30
N ILE B 6 -13.85 21.71 -5.37
CA ILE B 6 -13.14 20.68 -4.63
C ILE B 6 -12.77 19.62 -5.65
N LYS B 7 -11.48 19.46 -5.90
CA LYS B 7 -10.99 18.52 -6.90
C LYS B 7 -10.15 17.45 -6.21
N LYS B 8 -10.37 16.20 -6.58
CA LYS B 8 -9.59 15.09 -6.06
C LYS B 8 -8.27 15.05 -6.81
N THR B 9 -7.19 15.45 -6.13
CA THR B 9 -5.88 15.39 -6.75
C THR B 9 -5.35 13.96 -6.80
N PHE B 10 -5.45 13.23 -5.69
CA PHE B 10 -4.96 11.87 -5.59
C PHE B 10 -5.59 11.21 -4.38
N SER B 11 -6.06 9.99 -4.56
CA SER B 11 -6.55 9.16 -3.46
C SER B 11 -6.09 7.74 -3.71
N ASN B 12 -5.62 7.07 -2.67
CA ASN B 12 -5.22 5.67 -2.75
C ASN B 12 -5.72 4.94 -1.52
N ARG B 13 -5.94 3.64 -1.68
CA ARG B 13 -6.39 2.86 -0.54
C ARG B 13 -5.21 2.24 0.18
N SER B 14 -5.38 2.05 1.48
CA SER B 14 -4.35 1.49 2.34
C SER B 14 -5.01 1.05 3.64
N ASP B 15 -4.19 0.50 4.53
CA ASP B 15 -4.63 0.33 5.90
C ASP B 15 -4.87 1.69 6.54
N ARG B 16 -5.48 1.64 7.72
CA ARG B 16 -5.97 2.85 8.38
C ARG B 16 -4.87 3.87 8.56
N VAL B 17 -5.12 5.08 8.07
CA VAL B 17 -4.18 6.19 8.13
C VAL B 17 -4.44 6.98 9.40
N LYS B 18 -3.46 6.99 10.31
CA LYS B 18 -3.56 7.67 11.61
C LYS B 18 -2.86 9.02 11.64
N GLY B 19 -1.83 9.21 10.83
CA GLY B 19 -1.15 10.49 10.74
C GLY B 19 -0.90 10.84 9.29
N ILE B 20 -0.83 12.15 9.02
CA ILE B 20 -0.66 12.64 7.66
C ILE B 20 -0.01 14.01 7.70
N ASP B 21 0.81 14.30 6.68
CA ASP B 21 1.54 15.56 6.64
C ASP B 21 1.99 15.88 5.22
N PHE B 22 2.03 17.18 4.91
CA PHE B 22 2.50 17.66 3.61
C PHE B 22 3.96 18.12 3.72
N HIS B 23 4.76 17.82 2.70
CA HIS B 23 6.08 18.42 2.55
C HIS B 23 5.93 19.84 2.01
N PRO B 24 6.71 20.79 2.51
CA PRO B 24 6.49 22.20 2.14
C PRO B 24 6.93 22.57 0.73
N THR B 25 7.86 21.83 0.13
CA THR B 25 8.42 22.22 -1.17
C THR B 25 8.39 21.12 -2.23
N GLU B 26 8.27 19.87 -1.87
CA GLU B 26 8.06 18.79 -2.81
C GLU B 26 6.58 18.39 -2.79
N PRO B 27 6.03 17.92 -3.91
CA PRO B 27 4.60 17.54 -3.96
C PRO B 27 4.35 16.19 -3.31
N TRP B 28 4.69 16.10 -2.02
CA TRP B 28 4.65 14.85 -1.31
C TRP B 28 3.72 14.92 -0.10
N VAL B 29 3.11 13.78 0.21
CA VAL B 29 2.34 13.58 1.43
C VAL B 29 2.89 12.35 2.15
N LEU B 30 3.05 12.47 3.47
CA LEU B 30 3.43 11.34 4.32
C LEU B 30 2.16 10.80 4.97
N THR B 31 1.99 9.48 4.95
CA THR B 31 0.95 8.82 5.74
C THR B 31 1.58 7.83 6.71
N THR B 32 1.03 7.73 7.91
CA THR B 32 1.47 6.77 8.91
C THR B 32 0.27 5.90 9.28
N LEU B 33 0.46 4.58 9.28
CA LEU B 33 -0.66 3.65 9.31
C LEU B 33 -0.74 2.85 10.61
N TYR B 34 -1.96 2.38 10.88
CA TYR B 34 -2.20 1.54 12.04
C TYR B 34 -1.43 0.22 11.97
N SER B 35 -0.99 -0.18 10.79
CA SER B 35 -0.27 -1.42 10.58
C SER B 35 1.22 -1.32 10.88
N GLY B 36 1.73 -0.14 11.19
CA GLY B 36 3.15 0.03 11.43
C GLY B 36 3.91 0.50 10.22
N ARG B 37 3.26 0.62 9.07
CA ARG B 37 3.87 1.09 7.84
C ARG B 37 3.70 2.60 7.71
N VAL B 38 4.67 3.23 7.06
CA VAL B 38 4.57 4.62 6.66
C VAL B 38 4.88 4.71 5.16
N GLU B 39 4.22 5.66 4.48
CA GLU B 39 4.35 5.84 3.05
C GLU B 39 4.53 7.33 2.74
N ILE B 40 5.44 7.63 1.79
CA ILE B 40 5.55 8.97 1.23
C ILE B 40 5.14 8.86 -0.23
N TRP B 41 4.10 9.60 -0.61
CA TRP B 41 3.59 9.59 -1.97
C TRP B 41 3.83 10.94 -2.63
N ASN B 42 4.23 10.90 -3.89
CA ASN B 42 4.19 12.07 -4.74
C ASN B 42 2.78 12.13 -5.32
N TYR B 43 1.98 13.10 -4.88
CA TYR B 43 0.57 13.14 -5.25
C TYR B 43 0.34 13.76 -6.62
N GLU B 44 1.38 14.29 -7.26
CA GLU B 44 1.27 14.76 -8.65
C GLU B 44 1.61 13.64 -9.65
N THR B 45 2.59 12.78 -9.35
CA THR B 45 2.87 11.63 -10.20
C THR B 45 2.19 10.35 -9.74
N GLN B 46 1.65 10.31 -8.52
CA GLN B 46 0.93 9.14 -8.02
C GLN B 46 1.85 7.92 -7.93
N VAL B 47 3.09 8.15 -7.52
CA VAL B 47 4.06 7.10 -7.27
C VAL B 47 4.66 7.30 -5.89
N GLU B 48 5.01 6.18 -5.26
CA GLU B 48 5.57 6.21 -3.92
C GLU B 48 7.03 6.65 -3.96
N VAL B 49 7.36 7.69 -3.19
CA VAL B 49 8.75 8.12 -3.05
C VAL B 49 9.52 7.11 -2.21
N ARG B 50 8.92 6.67 -1.10
CA ARG B 50 9.57 5.79 -0.16
C ARG B 50 8.50 5.28 0.78
N SER B 51 8.66 4.03 1.23
CA SER B 51 7.81 3.47 2.26
C SER B 51 8.65 2.59 3.15
N ILE B 52 8.22 2.47 4.41
CA ILE B 52 8.99 1.76 5.43
C ILE B 52 8.01 0.99 6.30
N GLN B 53 8.29 -0.27 6.55
CA GLN B 53 7.62 -0.99 7.62
C GLN B 53 8.38 -0.67 8.91
N VAL B 54 7.89 0.32 9.65
CA VAL B 54 8.64 0.85 10.79
C VAL B 54 8.57 -0.09 11.98
N THR B 55 7.41 -0.69 12.20
CA THR B 55 7.12 -1.47 13.39
C THR B 55 5.89 -2.30 13.08
N GLU B 56 5.51 -3.17 14.01
CA GLU B 56 4.27 -3.91 13.86
C GLU B 56 3.12 -3.26 14.62
N THR B 57 3.38 -2.20 15.39
CA THR B 57 2.36 -1.49 16.12
C THR B 57 1.87 -0.28 15.34
N PRO B 58 0.71 0.28 15.71
CA PRO B 58 0.24 1.50 15.03
C PRO B 58 1.27 2.62 15.13
N VAL B 59 1.37 3.40 14.05
CA VAL B 59 2.16 4.63 14.00
C VAL B 59 1.15 5.77 13.93
N ARG B 60 0.85 6.39 15.08
CA ARG B 60 -0.18 7.41 15.13
C ARG B 60 0.30 8.80 14.77
N ALA B 61 1.59 9.03 14.82
CA ALA B 61 2.13 10.37 14.66
C ALA B 61 3.23 10.37 13.61
N GLY B 62 3.17 11.34 12.72
CA GLY B 62 4.19 11.47 11.69
C GLY B 62 4.25 12.87 11.09
N LYS B 63 5.46 13.39 10.95
CA LYS B 63 5.66 14.70 10.38
C LYS B 63 6.93 14.71 9.55
N PHE B 64 6.93 15.53 8.52
CA PHE B 64 8.19 15.89 7.87
C PHE B 64 8.96 16.87 8.75
N ILE B 65 10.28 16.73 8.76
CA ILE B 65 11.18 17.80 9.18
C ILE B 65 11.97 18.16 7.92
N ALA B 66 11.38 19.00 7.07
CA ALA B 66 11.91 19.19 5.73
C ALA B 66 13.30 19.80 5.76
N ARG B 67 13.57 20.69 6.72
CA ARG B 67 14.87 21.35 6.75
C ARG B 67 15.99 20.41 7.13
N LYS B 68 15.68 19.18 7.55
CA LYS B 68 16.68 18.15 7.80
C LYS B 68 16.57 16.98 6.83
N ASN B 69 15.64 17.03 5.87
CA ASN B 69 15.32 15.89 5.00
C ASN B 69 14.94 14.65 5.79
N TRP B 70 14.18 14.85 6.87
CA TRP B 70 13.73 13.77 7.71
C TRP B 70 12.23 13.61 7.70
N ILE B 71 11.79 12.42 8.11
CA ILE B 71 10.48 12.21 8.70
C ILE B 71 10.69 11.78 10.15
N ILE B 72 9.75 12.17 11.01
CA ILE B 72 9.74 11.71 12.40
C ILE B 72 8.38 11.06 12.66
N VAL B 73 8.41 9.90 13.32
CA VAL B 73 7.21 9.11 13.57
C VAL B 73 7.21 8.61 15.01
N GLY B 74 6.02 8.42 15.54
CA GLY B 74 5.84 7.92 16.89
C GLY B 74 4.77 6.85 16.90
N SER B 75 5.01 5.80 17.70
CA SER B 75 4.20 4.60 17.57
C SER B 75 3.80 4.04 18.93
N ASP B 76 2.90 3.06 18.88
CA ASP B 76 2.36 2.46 20.08
C ASP B 76 3.37 1.57 20.79
N ASP B 77 4.51 1.27 20.16
CA ASP B 77 5.61 0.60 20.84
C ASP B 77 6.43 1.55 21.70
N PHE B 78 5.99 2.79 21.85
CA PHE B 78 6.51 3.79 22.77
C PHE B 78 7.67 4.58 22.14
N ARG B 79 8.01 4.37 20.88
CA ARG B 79 9.26 4.85 20.32
C ARG B 79 9.07 6.01 19.36
N ILE B 80 10.00 6.94 19.40
CA ILE B 80 10.20 7.94 18.36
C ILE B 80 11.29 7.40 17.44
N ARG B 81 11.03 7.44 16.14
CA ARG B 81 12.02 7.09 15.13
C ARG B 81 12.09 8.20 14.09
N VAL B 82 13.29 8.45 13.60
CA VAL B 82 13.53 9.47 12.60
C VAL B 82 14.25 8.80 11.44
N PHE B 83 13.78 9.06 10.21
CA PHE B 83 14.40 8.51 9.01
C PHE B 83 14.72 9.64 8.04
N ASN B 84 15.85 9.52 7.36
CA ASN B 84 16.16 10.38 6.24
C ASN B 84 15.38 9.88 5.02
N TYR B 85 14.54 10.74 4.45
CA TYR B 85 13.68 10.26 3.36
C TYR B 85 14.41 10.16 2.02
N ASN B 86 15.62 10.71 1.91
CA ASN B 86 16.39 10.57 0.68
C ASN B 86 17.15 9.25 0.62
N THR B 87 17.55 8.72 1.77
CA THR B 87 18.36 7.50 1.82
C THR B 87 17.67 6.34 2.52
N GLY B 88 16.66 6.59 3.34
CA GLY B 88 16.06 5.55 4.14
C GLY B 88 16.75 5.27 5.45
N GLU B 89 17.87 5.94 5.72
CA GLU B 89 18.63 5.70 6.94
C GLU B 89 17.80 6.03 8.17
N LYS B 90 17.85 5.13 9.17
CA LYS B 90 17.26 5.42 10.47
C LYS B 90 18.24 6.28 11.28
N VAL B 91 17.83 7.53 11.53
CA VAL B 91 18.69 8.50 12.19
C VAL B 91 18.70 8.29 13.70
N VAL B 92 17.55 7.97 14.28
CA VAL B 92 17.45 7.75 15.73
C VAL B 92 16.24 6.87 15.99
N ASP B 93 16.26 6.19 17.14
CA ASP B 93 15.20 5.26 17.54
C ASP B 93 15.33 5.16 19.05
N PHE B 94 14.36 5.72 19.78
CA PHE B 94 14.41 5.71 21.24
C PHE B 94 13.02 5.64 21.84
N GLU B 95 12.93 5.06 23.04
CA GLU B 95 11.68 5.07 23.79
C GLU B 95 11.52 6.46 24.40
N ALA B 96 10.50 7.19 23.95
CA ALA B 96 10.25 8.55 24.41
C ALA B 96 9.30 8.61 25.61
N HIS B 97 8.45 7.60 25.78
CA HIS B 97 7.46 7.54 26.84
C HIS B 97 7.24 6.08 27.19
N PRO B 98 6.75 5.78 28.39
CA PRO B 98 6.40 4.38 28.70
C PRO B 98 4.96 4.05 28.30
N ASP B 99 4.45 4.71 27.26
CA ASP B 99 3.07 4.49 26.82
C ASP B 99 2.95 5.02 25.39
N TYR B 100 1.75 4.88 24.82
CA TYR B 100 1.54 5.24 23.42
C TYR B 100 1.89 6.70 23.16
N ILE B 101 2.43 6.96 21.97
CA ILE B 101 2.65 8.32 21.49
C ILE B 101 1.46 8.67 20.60
N ARG B 102 0.77 9.76 20.92
CA ARG B 102 -0.41 10.16 20.17
C ARG B 102 -0.16 11.24 19.14
N SER B 103 0.84 12.10 19.36
CA SER B 103 0.99 13.30 18.56
C SER B 103 2.42 13.79 18.66
N ILE B 104 2.95 14.27 17.53
CA ILE B 104 4.26 14.89 17.46
C ILE B 104 4.11 16.21 16.72
N ALA B 105 4.72 17.26 17.26
CA ALA B 105 4.76 18.57 16.62
C ALA B 105 6.22 18.99 16.47
N VAL B 106 6.53 19.59 15.33
CA VAL B 106 7.87 20.08 15.02
C VAL B 106 7.90 21.58 15.19
N HIS B 107 8.85 22.07 15.99
CA HIS B 107 8.99 23.51 16.16
C HIS B 107 9.35 24.15 14.81
N PRO B 108 8.70 25.25 14.43
CA PRO B 108 8.93 25.81 13.09
C PRO B 108 10.27 26.53 12.92
N THR B 109 10.95 26.92 14.01
CA THR B 109 12.15 27.75 13.86
C THR B 109 13.31 27.35 14.77
N LYS B 110 13.23 26.22 15.46
CA LYS B 110 14.25 25.76 16.39
C LYS B 110 14.31 24.24 16.32
N PRO B 111 15.44 23.64 16.73
CA PRO B 111 15.63 22.17 16.53
C PRO B 111 14.97 21.33 17.60
N TYR B 112 13.66 21.53 17.77
CA TYR B 112 12.90 20.87 18.81
C TYR B 112 11.71 20.12 18.22
N VAL B 113 11.36 19.01 18.86
CA VAL B 113 10.08 18.34 18.63
C VAL B 113 9.38 18.12 19.95
N LEU B 114 8.05 18.13 19.90
CA LEU B 114 7.20 17.83 21.04
C LEU B 114 6.50 16.50 20.79
N SER B 115 6.41 15.67 21.83
CA SER B 115 5.63 14.44 21.78
C SER B 115 4.62 14.43 22.92
N GLY B 116 3.38 14.05 22.60
CA GLY B 116 2.32 13.89 23.58
C GLY B 116 1.92 12.43 23.69
N SER B 117 1.59 11.99 24.91
CA SER B 117 1.52 10.57 25.21
C SER B 117 0.39 10.21 26.18
N ASP B 118 -0.01 8.93 26.11
CA ASP B 118 -0.93 8.37 27.10
C ASP B 118 -0.31 8.32 28.49
N ASP B 119 1.00 8.58 28.62
CA ASP B 119 1.66 8.69 29.92
C ASP B 119 1.35 10.02 30.63
N LEU B 120 0.45 10.82 30.08
CA LEU B 120 -0.10 12.04 30.67
C LEU B 120 0.82 13.23 30.47
N THR B 121 1.88 13.11 29.69
CA THR B 121 2.86 14.18 29.57
C THR B 121 3.05 14.62 28.13
N VAL B 122 3.66 15.80 28.00
CA VAL B 122 4.28 16.27 26.78
C VAL B 122 5.78 16.35 27.06
N LYS B 123 6.60 15.97 26.09
CA LYS B 123 8.04 16.05 26.23
C LYS B 123 8.62 16.83 25.06
N LEU B 124 9.67 17.60 25.35
CA LEU B 124 10.38 18.44 24.40
C LEU B 124 11.77 17.88 24.19
N TRP B 125 12.10 17.53 22.94
CA TRP B 125 13.35 16.89 22.57
C TRP B 125 14.16 17.81 21.66
N ASN B 126 15.47 17.89 21.92
CA ASN B 126 16.38 18.77 21.18
C ASN B 126 17.27 17.95 20.27
N TRP B 127 16.99 17.97 18.97
CA TRP B 127 17.75 17.12 18.05
C TRP B 127 19.17 17.59 17.83
N GLU B 128 19.48 18.84 18.15
CA GLU B 128 20.84 19.33 18.01
C GLU B 128 21.71 19.01 19.23
N ASN B 129 21.12 18.42 20.27
CA ASN B 129 21.88 17.99 21.44
C ASN B 129 21.59 16.52 21.74
N ASN B 130 21.80 15.67 20.75
CA ASN B 130 21.69 14.22 20.93
C ASN B 130 20.30 13.81 21.42
N TRP B 131 19.27 14.52 20.96
CA TRP B 131 17.89 14.21 21.33
C TRP B 131 17.69 14.29 22.83
N ALA B 132 18.38 15.24 23.46
CA ALA B 132 18.20 15.49 24.88
C ALA B 132 16.75 15.79 25.20
N LEU B 133 16.29 15.27 26.33
CA LEU B 133 15.00 15.64 26.89
C LEU B 133 15.18 16.97 27.60
N GLU B 134 14.71 18.05 26.97
CA GLU B 134 14.92 19.37 27.54
C GLU B 134 13.88 19.68 28.60
N GLN B 135 12.65 19.23 28.40
CA GLN B 135 11.58 19.53 29.34
C GLN B 135 10.52 18.45 29.26
N THR B 136 9.92 18.17 30.42
CA THR B 136 8.69 17.38 30.52
C THR B 136 7.61 18.30 31.09
N PHE B 137 6.43 18.28 30.46
CA PHE B 137 5.31 19.14 30.83
C PHE B 137 4.25 18.25 31.50
N GLU B 138 4.11 18.38 32.81
CA GLU B 138 3.24 17.53 33.61
C GLU B 138 2.04 18.32 34.11
N GLY B 139 0.93 17.63 34.29
CA GLY B 139 -0.28 18.27 34.80
C GLY B 139 -1.57 17.72 34.25
N HIS B 140 -1.55 17.22 33.02
CA HIS B 140 -2.74 16.61 32.47
C HIS B 140 -3.07 15.33 33.24
N GLU B 141 -4.35 14.95 33.19
CA GLU B 141 -4.87 13.83 33.97
C GLU B 141 -5.40 12.68 33.12
N HIS B 142 -5.21 12.74 31.80
CA HIS B 142 -5.59 11.64 30.91
C HIS B 142 -4.70 11.74 29.67
N PHE B 143 -4.99 10.91 28.67
CA PHE B 143 -4.11 10.82 27.52
C PHE B 143 -3.99 12.18 26.83
N VAL B 144 -2.76 12.57 26.49
CA VAL B 144 -2.53 13.77 25.70
C VAL B 144 -2.65 13.39 24.23
N MET B 145 -3.69 13.89 23.57
CA MET B 145 -4.07 13.44 22.24
C MET B 145 -3.47 14.28 21.12
N CYS B 146 -3.07 15.52 21.40
CA CYS B 146 -2.65 16.42 20.34
C CYS B 146 -1.79 17.52 20.93
N VAL B 147 -0.69 17.84 20.26
CA VAL B 147 0.16 18.98 20.61
C VAL B 147 0.35 19.83 19.36
N ALA B 148 0.37 21.15 19.54
CA ALA B 148 0.48 22.10 18.44
C ALA B 148 1.18 23.37 18.91
N PHE B 149 2.19 23.80 18.18
CA PHE B 149 2.81 25.09 18.45
C PHE B 149 1.92 26.23 17.94
N ASN B 150 1.98 27.35 18.64
CA ASN B 150 1.39 28.58 18.15
C ASN B 150 2.26 29.11 17.00
N PRO B 151 1.77 29.12 15.76
CA PRO B 151 2.65 29.54 14.65
C PRO B 151 3.06 30.99 14.75
N LYS B 152 2.29 31.81 15.45
CA LYS B 152 2.64 33.21 15.63
C LYS B 152 3.56 33.45 16.80
N ASP B 153 3.68 32.49 17.71
CA ASP B 153 4.57 32.60 18.86
C ASP B 153 4.94 31.18 19.29
N PRO B 154 5.84 30.55 18.58
CA PRO B 154 6.15 29.13 18.86
C PRO B 154 6.98 28.91 20.11
N SER B 155 7.26 29.97 20.90
CA SER B 155 7.70 29.73 22.26
C SER B 155 6.56 29.19 23.12
N THR B 156 5.34 29.14 22.58
CA THR B 156 4.19 28.59 23.28
C THR B 156 3.56 27.50 22.44
N PHE B 157 2.88 26.57 23.11
CA PHE B 157 2.17 25.50 22.43
C PHE B 157 0.98 25.08 23.27
N ALA B 158 0.08 24.35 22.63
CA ALA B 158 -1.13 23.86 23.28
C ALA B 158 -1.13 22.34 23.26
N SER B 159 -1.64 21.74 24.32
CA SER B 159 -1.88 20.31 24.38
C SER B 159 -3.37 20.08 24.64
N GLY B 160 -3.94 19.14 23.90
CA GLY B 160 -5.34 18.76 24.06
C GLY B 160 -5.41 17.36 24.62
N CYS B 161 -6.31 17.16 25.59
CA CYS B 161 -6.26 15.98 26.44
C CYS B 161 -7.65 15.41 26.69
N LEU B 162 -7.70 14.09 26.88
CA LEU B 162 -8.96 13.44 27.22
C LEU B 162 -9.46 13.84 28.61
N ASP B 163 -8.64 14.55 29.41
CA ASP B 163 -9.10 15.10 30.67
C ASP B 163 -10.03 16.34 30.50
N ARG B 164 -10.41 16.64 29.26
CA ARG B 164 -11.38 17.69 28.89
C ARG B 164 -10.77 19.07 28.92
N THR B 165 -9.44 19.19 28.98
CA THR B 165 -8.78 20.49 28.99
C THR B 165 -7.82 20.64 27.81
N VAL B 166 -7.53 21.90 27.52
CA VAL B 166 -6.34 22.30 26.78
C VAL B 166 -5.46 23.03 27.77
N LYS B 167 -4.18 22.72 27.74
CA LYS B 167 -3.17 23.48 28.46
C LYS B 167 -2.28 24.18 27.46
N VAL B 168 -2.00 25.45 27.72
CA VAL B 168 -1.08 26.24 26.93
C VAL B 168 0.16 26.46 27.76
N TRP B 169 1.32 26.22 27.16
CA TRP B 169 2.59 26.16 27.87
C TRP B 169 3.59 27.06 27.17
N SER B 170 4.66 27.39 27.89
CA SER B 170 5.78 28.15 27.35
C SER B 170 7.07 27.38 27.50
N LEU B 171 7.87 27.37 26.43
CA LEU B 171 9.21 26.83 26.54
C LEU B 171 9.95 27.56 27.66
N GLY B 172 10.65 26.79 28.49
CA GLY B 172 11.36 27.35 29.62
C GLY B 172 10.55 27.45 30.89
N GLN B 173 9.27 27.13 30.85
CA GLN B 173 8.38 27.19 32.00
C GLN B 173 7.81 25.81 32.23
N SER B 174 7.70 25.42 33.50
CA SER B 174 7.35 24.04 33.82
C SER B 174 5.86 23.85 34.08
N THR B 175 5.09 24.91 34.27
CA THR B 175 3.65 24.83 34.48
C THR B 175 2.92 25.57 33.37
N PRO B 176 1.64 25.26 33.15
CA PRO B 176 0.92 25.91 32.05
C PRO B 176 0.78 27.41 32.31
N ASN B 177 0.82 28.19 31.23
CA ASN B 177 0.36 29.56 31.32
C ASN B 177 -1.11 29.61 31.71
N PHE B 178 -1.89 28.67 31.19
CA PHE B 178 -3.26 28.51 31.63
C PHE B 178 -3.80 27.16 31.20
N THR B 179 -4.90 26.77 31.85
CA THR B 179 -5.65 25.57 31.54
C THR B 179 -7.07 26.00 31.15
N LEU B 180 -7.52 25.52 30.01
CA LEU B 180 -8.84 25.83 29.49
C LEU B 180 -9.75 24.64 29.75
N THR B 181 -10.85 24.88 30.47
CA THR B 181 -11.87 23.87 30.71
C THR B 181 -12.84 23.97 29.55
N THR B 182 -12.87 22.94 28.69
CA THR B 182 -13.56 23.10 27.40
C THR B 182 -15.05 22.83 27.49
N GLY B 183 -15.50 22.13 28.53
CA GLY B 183 -16.87 21.65 28.54
C GLY B 183 -17.17 20.57 27.53
N GLN B 184 -16.15 20.01 26.88
CA GLN B 184 -16.30 18.90 25.95
C GLN B 184 -16.08 17.64 26.79
N GLU B 185 -17.18 17.09 27.30
CA GLU B 185 -17.09 16.17 28.45
C GLU B 185 -16.54 14.80 28.11
N ARG B 186 -16.44 14.45 26.82
CA ARG B 186 -15.79 13.22 26.40
C ARG B 186 -14.33 13.42 26.03
N GLY B 187 -13.78 14.61 26.26
CA GLY B 187 -12.37 14.88 26.09
C GLY B 187 -12.09 15.70 24.85
N VAL B 188 -10.82 16.07 24.71
CA VAL B 188 -10.32 16.84 23.57
C VAL B 188 -9.40 15.92 22.77
N ASN B 189 -9.76 15.70 21.50
CA ASN B 189 -8.96 14.87 20.61
C ASN B 189 -7.94 15.67 19.80
N TYR B 190 -8.18 16.98 19.66
CA TYR B 190 -7.40 17.77 18.72
C TYR B 190 -7.46 19.24 19.12
N VAL B 191 -6.35 19.94 18.90
CA VAL B 191 -6.27 21.39 19.12
C VAL B 191 -5.38 21.98 18.03
N ASP B 192 -5.76 23.15 17.52
CA ASP B 192 -5.09 23.83 16.43
C ASP B 192 -5.21 25.32 16.69
N TYR B 193 -4.33 26.09 16.07
CA TYR B 193 -4.34 27.53 16.16
C TYR B 193 -4.76 28.15 14.84
N TYR B 194 -5.53 29.23 14.92
CA TYR B 194 -5.74 30.10 13.76
C TYR B 194 -4.42 30.78 13.40
N PRO B 195 -4.05 30.83 12.12
CA PRO B 195 -2.68 31.21 11.78
C PRO B 195 -2.37 32.71 11.69
N LEU B 196 -3.39 33.54 11.56
CA LEU B 196 -3.14 34.94 11.24
C LEU B 196 -3.23 35.80 12.49
N PRO B 197 -2.58 36.97 12.46
CA PRO B 197 -2.47 37.78 13.70
C PRO B 197 -3.74 38.50 14.12
N ASP B 198 -4.79 38.53 13.31
CA ASP B 198 -5.95 39.34 13.68
C ASP B 198 -6.81 38.69 14.75
N LYS B 199 -6.69 37.37 14.98
CA LYS B 199 -7.51 36.73 16.01
C LYS B 199 -6.65 35.78 16.85
N PRO B 200 -6.77 35.84 18.18
CA PRO B 200 -6.05 34.89 19.05
C PRO B 200 -6.89 33.66 19.31
N TYR B 201 -7.06 32.85 18.27
CA TYR B 201 -8.03 31.76 18.29
C TYR B 201 -7.36 30.40 18.29
N MET B 202 -7.91 29.48 19.07
CA MET B 202 -7.64 28.06 19.00
C MET B 202 -8.96 27.34 18.74
N ILE B 203 -8.87 26.08 18.31
CA ILE B 203 -10.03 25.28 17.95
C ILE B 203 -9.81 23.87 18.49
N THR B 204 -10.86 23.28 19.05
CA THR B 204 -10.78 21.95 19.65
C THR B 204 -11.89 21.06 19.12
N ALA B 205 -11.59 19.76 19.02
CA ALA B 205 -12.53 18.76 18.55
C ALA B 205 -12.67 17.65 19.58
N SER B 206 -13.87 17.06 19.68
CA SER B 206 -14.19 16.16 20.78
C SER B 206 -15.06 14.99 20.35
N ASP B 207 -14.91 13.88 21.08
CA ASP B 207 -15.84 12.76 20.98
C ASP B 207 -17.28 13.16 21.34
N ASP B 208 -17.48 14.32 21.98
CA ASP B 208 -18.83 14.76 22.29
C ASP B 208 -19.55 15.37 21.09
N LEU B 209 -18.94 15.30 19.91
CA LEU B 209 -19.50 15.65 18.61
C LEU B 209 -19.40 17.15 18.34
N THR B 210 -18.75 17.92 19.21
CA THR B 210 -18.62 19.36 19.01
C THR B 210 -17.21 19.76 18.61
N ILE B 211 -17.16 20.92 17.96
CA ILE B 211 -15.95 21.66 17.68
C ILE B 211 -16.12 23.02 18.35
N LYS B 212 -15.11 23.49 19.07
CA LYS B 212 -15.22 24.77 19.77
C LYS B 212 -14.07 25.68 19.39
N ILE B 213 -14.38 26.97 19.25
CA ILE B 213 -13.42 28.03 18.96
C ILE B 213 -13.21 28.83 20.25
N TRP B 214 -11.95 29.14 20.55
CA TRP B 214 -11.58 29.77 21.81
C TRP B 214 -10.72 31.01 21.57
N ASP B 215 -10.94 32.03 22.40
CA ASP B 215 -10.03 33.17 22.50
C ASP B 215 -8.98 32.81 23.54
N TYR B 216 -7.73 32.64 23.11
CA TYR B 216 -6.71 32.22 24.06
C TYR B 216 -6.18 33.33 24.95
N GLN B 217 -6.63 34.57 24.75
CA GLN B 217 -6.31 35.63 25.69
C GLN B 217 -7.30 35.73 26.84
N THR B 218 -8.59 35.48 26.58
CA THR B 218 -9.61 35.53 27.62
C THR B 218 -10.09 34.16 28.08
N LYS B 219 -9.83 33.11 27.30
CA LYS B 219 -10.29 31.74 27.53
C LYS B 219 -11.77 31.55 27.22
N SER B 220 -12.43 32.54 26.62
CA SER B 220 -13.85 32.39 26.34
C SER B 220 -14.10 31.56 25.10
N CYS B 221 -15.21 30.84 25.11
CA CYS B 221 -15.66 30.11 23.93
C CYS B 221 -16.36 31.07 22.97
N VAL B 222 -15.82 31.18 21.76
CA VAL B 222 -16.35 32.09 20.75
C VAL B 222 -17.52 31.45 20.01
N ALA B 223 -17.45 30.14 19.78
CA ALA B 223 -18.44 29.47 18.96
C ALA B 223 -18.34 27.97 19.19
N THR B 224 -19.48 27.30 19.02
CA THR B 224 -19.58 25.85 19.03
C THR B 224 -20.17 25.41 17.70
N LEU B 225 -19.47 24.51 17.02
CA LEU B 225 -19.87 24.02 15.72
C LEU B 225 -20.41 22.60 15.88
N GLU B 226 -21.69 22.42 15.60
CA GLU B 226 -22.35 21.14 15.70
C GLU B 226 -22.80 20.69 14.32
N GLY B 227 -22.81 19.38 14.11
CA GLY B 227 -23.22 18.81 12.85
C GLY B 227 -22.70 17.41 12.59
N HIS B 228 -21.50 17.09 13.05
CA HIS B 228 -20.99 15.74 12.89
C HIS B 228 -21.84 14.76 13.69
N MET B 229 -21.93 13.52 13.19
CA MET B 229 -22.77 12.50 13.81
C MET B 229 -22.00 11.45 14.57
N SER B 230 -20.69 11.58 14.67
CA SER B 230 -19.88 10.74 15.53
C SER B 230 -18.61 11.51 15.89
N ASN B 231 -17.72 10.85 16.63
CA ASN B 231 -16.56 11.50 17.21
C ASN B 231 -15.87 12.39 16.18
N VAL B 232 -15.51 13.60 16.60
CA VAL B 232 -14.77 14.52 15.73
C VAL B 232 -13.29 14.31 15.98
N SER B 233 -12.58 13.83 14.96
CA SER B 233 -11.17 13.49 15.10
C SER B 233 -10.26 14.71 15.05
N PHE B 234 -10.65 15.72 14.28
CA PHE B 234 -9.82 16.91 14.13
C PHE B 234 -10.69 18.05 13.61
N ALA B 235 -10.19 19.27 13.83
CA ALA B 235 -10.73 20.49 13.23
C ALA B 235 -9.59 21.49 13.11
N VAL B 236 -9.43 22.09 11.93
CA VAL B 236 -8.34 23.02 11.69
C VAL B 236 -8.83 24.26 10.93
N PHE B 237 -8.11 25.36 11.11
CA PHE B 237 -8.28 26.52 10.24
C PHE B 237 -7.44 26.32 8.99
N HIS B 238 -8.04 26.49 7.82
CA HIS B 238 -7.26 26.47 6.59
C HIS B 238 -6.29 27.64 6.58
N PRO B 239 -5.05 27.45 6.10
CA PRO B 239 -4.07 28.54 6.19
C PRO B 239 -4.34 29.71 5.26
N THR B 240 -5.08 29.51 4.17
CA THR B 240 -5.28 30.55 3.17
C THR B 240 -6.73 30.83 2.82
N LEU B 241 -7.62 29.90 3.01
CA LEU B 241 -9.04 30.12 2.75
C LEU B 241 -9.80 30.36 4.05
N PRO B 242 -10.88 31.17 4.01
CA PRO B 242 -11.64 31.53 5.22
C PRO B 242 -12.59 30.41 5.65
N ILE B 243 -12.02 29.24 5.93
CA ILE B 243 -12.78 28.05 6.25
C ILE B 243 -12.09 27.27 7.35
N ILE B 244 -12.89 26.44 8.01
CA ILE B 244 -12.45 25.41 8.94
C ILE B 244 -12.77 24.06 8.31
N ILE B 245 -11.86 23.10 8.46
CA ILE B 245 -12.05 21.75 7.96
C ILE B 245 -12.01 20.79 9.13
N SER B 246 -13.02 19.94 9.24
CA SER B 246 -13.10 18.93 10.29
C SER B 246 -13.35 17.57 9.65
N GLY B 247 -13.11 16.54 10.44
CA GLY B 247 -13.28 15.17 9.99
C GLY B 247 -13.70 14.32 11.16
N SER B 248 -14.40 13.23 10.87
CA SER B 248 -15.15 12.53 11.90
C SER B 248 -15.22 11.04 11.62
N GLU B 249 -15.43 10.29 12.69
CA GLU B 249 -15.73 8.87 12.55
C GLU B 249 -17.08 8.65 11.86
N ASP B 250 -17.86 9.72 11.63
CA ASP B 250 -19.04 9.59 10.79
C ASP B 250 -18.70 9.42 9.31
N GLY B 251 -17.42 9.46 8.94
CA GLY B 251 -16.99 9.26 7.58
C GLY B 251 -16.96 10.50 6.72
N THR B 252 -17.24 11.67 7.27
CA THR B 252 -17.28 12.88 6.48
C THR B 252 -16.16 13.85 6.85
N LEU B 253 -15.78 14.65 5.86
CA LEU B 253 -15.11 15.91 6.08
C LEU B 253 -16.18 17.00 5.99
N LYS B 254 -16.10 17.99 6.87
CA LYS B 254 -16.98 19.15 6.77
C LYS B 254 -16.15 20.40 6.63
N ILE B 255 -16.63 21.31 5.79
CA ILE B 255 -16.03 22.61 5.57
C ILE B 255 -17.00 23.63 6.17
N TRP B 256 -16.49 24.45 7.08
CA TRP B 256 -17.30 25.43 7.78
C TRP B 256 -16.78 26.83 7.46
N ASN B 257 -17.70 27.78 7.41
CA ASN B 257 -17.36 29.18 7.24
C ASN B 257 -16.70 29.70 8.51
N SER B 258 -15.49 30.26 8.38
CA SER B 258 -14.75 30.71 9.55
C SER B 258 -15.23 32.05 10.08
N SER B 259 -16.15 32.72 9.39
CA SER B 259 -16.78 33.94 9.89
C SER B 259 -18.12 33.69 10.55
N THR B 260 -19.00 32.92 9.91
CA THR B 260 -20.33 32.64 10.42
C THR B 260 -20.40 31.35 11.24
N TYR B 261 -19.39 30.49 11.13
CA TYR B 261 -19.33 29.21 11.82
C TYR B 261 -20.40 28.23 11.37
N LYS B 262 -20.99 28.45 10.21
CA LYS B 262 -21.99 27.55 9.66
C LYS B 262 -21.34 26.58 8.68
N VAL B 263 -21.90 25.38 8.61
CA VAL B 263 -21.39 24.41 7.65
C VAL B 263 -21.62 24.91 6.24
N GLU B 264 -20.63 24.70 5.38
CA GLU B 264 -20.73 25.03 3.96
C GLU B 264 -20.80 23.80 3.07
N LYS B 265 -20.09 22.73 3.41
CA LYS B 265 -20.06 21.53 2.59
C LYS B 265 -19.76 20.34 3.48
N THR B 266 -20.42 19.22 3.19
CA THR B 266 -20.14 17.92 3.80
C THR B 266 -19.71 16.98 2.68
N LEU B 267 -18.55 16.35 2.85
CA LEU B 267 -18.01 15.45 1.85
C LEU B 267 -17.99 14.04 2.41
N ASN B 268 -18.69 13.11 1.77
CA ASN B 268 -18.54 11.70 2.13
C ASN B 268 -17.51 11.12 1.17
N VAL B 269 -16.29 10.95 1.69
CA VAL B 269 -15.14 10.54 0.90
C VAL B 269 -15.20 9.08 0.50
N GLY B 270 -15.95 8.27 1.23
CA GLY B 270 -16.09 6.87 0.89
C GLY B 270 -14.98 5.99 1.39
N LEU B 271 -14.24 6.44 2.41
CA LEU B 271 -13.12 5.68 2.95
C LEU B 271 -13.35 5.31 4.42
N GLU B 272 -14.61 5.35 4.88
CA GLU B 272 -15.00 5.06 6.27
C GLU B 272 -14.44 6.14 7.21
N ARG B 273 -14.05 5.79 8.43
CA ARG B 273 -13.82 6.81 9.44
C ARG B 273 -12.62 7.69 9.10
N SER B 274 -12.76 8.99 9.38
CA SER B 274 -11.68 9.96 9.19
C SER B 274 -10.92 10.15 10.50
N TRP B 275 -9.59 10.15 10.41
CA TRP B 275 -8.73 10.20 11.58
C TRP B 275 -7.77 11.37 11.65
N CYS B 276 -7.32 11.90 10.51
CA CYS B 276 -6.24 12.89 10.57
C CYS B 276 -6.32 13.83 9.38
N ILE B 277 -5.61 14.96 9.51
CA ILE B 277 -5.68 16.05 8.56
C ILE B 277 -4.31 16.68 8.39
N ALA B 278 -4.07 17.21 7.19
CA ALA B 278 -2.95 18.10 6.94
C ALA B 278 -3.38 19.16 5.95
N THR B 279 -2.80 20.35 6.09
CA THR B 279 -3.00 21.42 5.13
C THR B 279 -1.63 21.82 4.60
N HIS B 280 -1.56 22.16 3.32
CA HIS B 280 -0.28 22.51 2.75
C HIS B 280 0.19 23.81 3.40
N PRO B 281 1.42 23.86 3.91
CA PRO B 281 1.79 24.98 4.81
C PRO B 281 1.77 26.35 4.16
N THR B 282 1.99 26.44 2.86
CA THR B 282 1.95 27.73 2.17
C THR B 282 0.74 27.85 1.26
N GLY B 283 -0.24 26.98 1.42
CA GLY B 283 -1.46 27.10 0.66
C GLY B 283 -1.35 26.74 -0.81
N ARG B 284 -0.32 25.99 -1.19
CA ARG B 284 -0.19 25.56 -2.58
C ARG B 284 -1.46 24.84 -3.02
N LYS B 285 -2.13 25.37 -4.04
CA LYS B 285 -3.38 24.81 -4.56
C LYS B 285 -4.44 24.66 -3.47
N ASN B 286 -4.24 25.36 -2.35
CA ASN B 286 -5.09 25.25 -1.17
C ASN B 286 -5.22 23.80 -0.70
N TYR B 287 -4.19 23.00 -0.97
CA TYR B 287 -4.28 21.56 -0.77
C TYR B 287 -4.60 21.21 0.68
N ILE B 288 -5.46 20.19 0.84
CA ILE B 288 -5.65 19.52 2.13
C ILE B 288 -5.52 18.04 1.86
N ALA B 289 -5.25 17.27 2.92
CA ALA B 289 -5.22 15.82 2.83
C ALA B 289 -5.77 15.24 4.11
N SER B 290 -6.49 14.12 4.00
CA SER B 290 -7.05 13.47 5.17
C SER B 290 -6.84 11.96 5.08
N GLY B 291 -6.62 11.34 6.24
CA GLY B 291 -6.44 9.91 6.35
C GLY B 291 -7.65 9.27 7.01
N PHE B 292 -7.96 8.06 6.54
CA PHE B 292 -9.19 7.35 6.86
C PHE B 292 -8.90 5.88 7.10
N ASP B 293 -9.94 5.15 7.54
CA ASP B 293 -9.84 3.72 7.72
C ASP B 293 -9.27 3.01 6.50
N ASN B 294 -9.68 3.41 5.29
CA ASN B 294 -9.33 2.67 4.09
C ASN B 294 -8.42 3.40 3.13
N GLY B 295 -7.81 4.50 3.54
CA GLY B 295 -6.83 5.16 2.70
C GLY B 295 -6.78 6.64 2.99
N PHE B 296 -6.33 7.40 1.99
CA PHE B 296 -6.19 8.83 2.12
C PHE B 296 -6.65 9.50 0.84
N THR B 297 -6.91 10.80 0.95
CA THR B 297 -7.22 11.62 -0.22
C THR B 297 -6.53 12.96 -0.08
N VAL B 298 -6.08 13.50 -1.22
CA VAL B 298 -5.50 14.82 -1.32
C VAL B 298 -6.44 15.62 -2.22
N LEU B 299 -6.92 16.75 -1.70
CA LEU B 299 -7.90 17.57 -2.39
C LEU B 299 -7.33 18.96 -2.63
N SER B 300 -7.60 19.52 -3.81
CA SER B 300 -7.35 20.92 -4.10
C SER B 300 -8.66 21.68 -3.99
N LEU B 301 -8.59 22.90 -3.44
CA LEU B 301 -9.77 23.73 -3.22
C LEU B 301 -9.56 25.09 -3.87
N GLY B 302 -10.65 25.68 -4.37
CA GLY B 302 -10.55 27.02 -4.93
C GLY B 302 -11.82 27.66 -5.46
N GLY C 1 27.60 -9.25 -10.46
CA GLY C 1 27.48 -9.43 -11.90
C GLY C 1 26.18 -8.90 -12.48
N VAL C 2 26.12 -8.83 -13.81
CA VAL C 2 24.93 -8.33 -14.47
C VAL C 2 23.83 -9.37 -14.37
N LYS C 3 22.63 -8.93 -13.98
CA LYS C 3 21.47 -9.79 -13.82
C LYS C 3 20.45 -9.41 -14.87
N LEU C 4 20.18 -10.33 -15.80
CA LEU C 4 19.14 -10.09 -16.78
C LEU C 4 17.78 -10.13 -16.10
N HIS C 5 16.83 -9.40 -16.67
CA HIS C 5 15.47 -9.31 -16.11
C HIS C 5 15.51 -8.92 -14.65
N TYR C 6 16.32 -7.91 -14.36
CA TYR C 6 16.48 -7.46 -12.99
C TYR C 6 15.24 -6.72 -12.50
N GLU C 7 14.55 -6.03 -13.40
CA GLU C 7 13.39 -5.24 -13.02
C GLU C 7 12.16 -6.12 -12.80
N VAL D 2 -8.46 -1.89 24.63
CA VAL D 2 -9.00 -1.63 25.97
C VAL D 2 -8.86 -0.16 26.33
N LYS D 3 -7.67 0.39 26.10
CA LYS D 3 -7.44 1.81 26.17
C LYS D 3 -8.54 2.56 25.44
N LEU D 4 -8.86 3.76 25.91
CA LEU D 4 -9.65 4.66 25.10
C LEU D 4 -8.90 4.97 23.81
N HIS D 5 -9.64 5.19 22.73
CA HIS D 5 -9.06 5.54 21.45
C HIS D 5 -8.02 4.51 21.01
N TYR D 6 -8.37 3.23 21.17
CA TYR D 6 -7.46 2.16 20.79
C TYR D 6 -7.34 2.03 19.27
N GLU D 7 -8.40 2.34 18.54
CA GLU D 7 -8.40 2.25 17.08
C GLU D 7 -7.73 3.44 16.42
C1 EDO E . -9.91 -12.98 7.83
O1 EDO E . -10.44 -12.30 6.69
C2 EDO E . -8.39 -13.08 7.69
O2 EDO E . -7.83 -11.76 7.57
H11 EDO E . -10.33 -13.98 7.91
H12 EDO E . -10.17 -12.44 8.74
HO1 EDO E . -11.40 -12.21 6.79
H21 EDO E . -8.13 -13.66 6.81
H22 EDO E . -7.97 -13.58 8.56
HO2 EDO E . -6.87 -11.82 7.44
C1 EDO F . -10.65 -18.43 5.51
O1 EDO F . -11.00 -17.04 5.55
C2 EDO F . -11.37 -19.11 4.35
O2 EDO F . -10.83 -18.66 3.10
H11 EDO F . -10.95 -18.90 6.46
H12 EDO F . -9.58 -18.54 5.41
HO1 EDO F . -10.72 -16.66 6.39
H21 EDO F . -12.43 -18.89 4.39
H22 EDO F . -11.25 -20.19 4.43
HO2 EDO F . -11.42 -18.94 2.38
C1 EDO G . -18.14 -19.53 -11.12
O1 EDO G . -18.25 -18.72 -12.30
C2 EDO G . -18.49 -20.97 -11.49
O2 EDO G . -17.39 -21.57 -12.20
H11 EDO G . -18.84 -19.17 -10.35
H12 EDO G . -17.14 -19.47 -10.71
HO1 EDO G . -18.13 -17.79 -12.06
H21 EDO G . -19.38 -20.99 -12.11
H22 EDO G . -18.69 -21.54 -10.58
HO2 EDO G . -17.71 -21.93 -13.03
C1 EDO H . -0.85 -0.06 0.08
O1 EDO H . -0.59 0.56 1.35
C2 EDO H . 0.06 0.50 -1.02
O2 EDO H . 1.06 -0.47 -1.39
H11 EDO H . -1.89 0.10 -0.20
H12 EDO H . -0.69 -1.14 0.17
HO1 EDO H . -0.87 -0.03 2.06
H21 EDO H . 0.55 1.41 -0.66
H22 EDO H . -0.54 0.76 -1.89
HO2 EDO H . 1.83 -0.01 -1.75
C1 EDO I . 2.16 -39.73 -5.42
O1 EDO I . 1.03 -40.58 -5.17
C2 EDO I . 3.19 -39.87 -4.30
O2 EDO I . 4.51 -40.00 -4.85
H11 EDO I . 1.83 -38.68 -5.48
H12 EDO I . 2.62 -39.98 -6.38
HO1 EDO I . 0.55 -40.72 -6.01
H21 EDO I . 2.95 -40.76 -3.70
H22 EDO I . 3.15 -39.00 -3.64
HO2 EDO I . 5.09 -40.40 -4.20
C1 EDO J . 5.88 -15.42 -11.70
O1 EDO J . 4.94 -14.50 -11.15
C2 EDO J . 5.55 -15.73 -13.17
O2 EDO J . 6.01 -14.69 -14.03
H11 EDO J . 5.87 -16.35 -11.13
H12 EDO J . 6.88 -15.00 -11.65
HO1 EDO J . 5.15 -14.35 -10.22
H21 EDO J . 4.47 -15.86 -13.28
H22 EDO J . 6.02 -16.68 -13.45
HO2 EDO J . 5.57 -14.77 -14.89
C1 EDO K . 12.23 -38.41 -8.46
O1 EDO K . 11.60 -39.42 -7.68
C2 EDO K . 13.56 -37.99 -7.84
O2 EDO K . 14.52 -39.03 -8.04
H11 EDO K . 11.57 -37.53 -8.53
H12 EDO K . 12.40 -38.79 -9.47
HO1 EDO K . 10.83 -39.77 -8.15
H21 EDO K . 13.43 -37.80 -6.77
H22 EDO K . 13.91 -37.07 -8.31
HO2 EDO K . 15.41 -38.67 -7.93
C1 EDO L . 6.29 2.03 -20.38
O1 EDO L . 5.02 2.02 -19.73
C2 EDO L . 6.07 1.64 -21.83
O2 EDO L . 5.23 2.61 -22.45
H11 EDO L . 6.98 1.32 -19.89
H12 EDO L . 6.74 3.03 -20.31
HO1 EDO L . 5.13 2.23 -18.80
H21 EDO L . 5.60 0.65 -21.88
H22 EDO L . 7.03 1.58 -22.36
HO2 EDO L . 4.88 2.26 -23.29
C1 EDO M . -3.71 25.17 10.37
O1 EDO M . -2.90 24.54 11.37
C2 EDO M . -3.23 26.60 10.13
O2 EDO M . -2.15 26.90 11.03
H11 EDO M . -4.75 25.19 10.70
H12 EDO M . -3.65 24.61 9.44
HO1 EDO M . -3.33 23.72 11.67
H21 EDO M . -4.05 27.31 10.30
H22 EDO M . -2.89 26.72 9.10
HO2 EDO M . -1.68 27.68 10.70
C1 EDO N . -1.91 20.45 9.91
O1 EDO N . -1.18 20.57 8.68
C2 EDO N . -2.55 21.77 10.31
O2 EDO N . -3.52 22.16 9.31
H11 EDO N . -1.25 20.12 10.70
H12 EDO N . -2.69 19.69 9.79
HO1 EDO N . -1.55 21.29 8.16
H21 EDO N . -1.79 22.55 10.39
H22 EDO N . -3.05 21.67 11.28
HO2 EDO N . -4.16 22.76 9.72
C1 EDO O . -6.66 -1.67 10.88
O1 EDO O . -7.41 -2.84 10.53
C2 EDO O . -5.83 -1.23 9.68
O2 EDO O . -6.70 -1.10 8.55
H11 EDO O . -6.00 -1.89 11.73
H12 EDO O . -7.33 -0.87 11.19
HO1 EDO O . -7.92 -3.13 11.29
H21 EDO O . -5.06 -1.96 9.48
H22 EDO O . -5.35 -0.27 9.90
HO2 EDO O . -6.19 -1.21 7.74
#